data_2ELG
# 
_entry.id   2ELG 
# 
_audit_conform.dict_name       mmcif_pdbx.dic 
_audit_conform.dict_version    5.380 
_audit_conform.dict_location   http://mmcif.pdb.org/dictionaries/ascii/mmcif_pdbx.dic 
# 
loop_
_database_2.database_id 
_database_2.database_code 
_database_2.pdbx_database_accession 
_database_2.pdbx_DOI 
PDB   2ELG         pdb_00002elg 10.2210/pdb2elg/pdb 
NDB   ZD0024       ?            ?                   
RCSB  RCSB026810   ?            ?                   
WWPDB D_1000026810 ?            ?                   
# 
loop_
_pdbx_database_related.db_name 
_pdbx_database_related.db_id 
_pdbx_database_related.details 
_pdbx_database_related.content_type 
PDB 292d 'DEOXYRIBONUCLEIC ACID' unspecified 
PDB 293d 'DEOXYRIBONUCLEIC ACID' unspecified 
PDB 336d 'DEOXYRIBONUCLEIC ACID' unspecified 
PDB 1DJ6 'DEOXYRIBONUCLEIC ACID' unspecified 
# 
_pdbx_database_status.status_code                     REL 
_pdbx_database_status.entry_id                        2ELG 
_pdbx_database_status.recvd_initial_deposition_date   2007-03-27 
_pdbx_database_status.deposit_site                    PDBJ 
_pdbx_database_status.process_site                    PDBJ 
_pdbx_database_status.status_code_sf                  REL 
_pdbx_database_status.status_code_mr                  ? 
_pdbx_database_status.SG_entry                        ? 
_pdbx_database_status.pdb_format_compatible           Y 
_pdbx_database_status.status_code_cs                  ? 
_pdbx_database_status.status_code_nmr_data            ? 
_pdbx_database_status.methods_development_category    ? 
# 
loop_
_audit_author.name 
_audit_author.pdbx_ordinal 
'Ohishi, H.'   1 
'Tozuka, Y.'   2 
'Zhou, D.Y.'   3 
'Ishida, T.'   4 
'Nakatani, K.' 5 
# 
_citation.id                        primary 
_citation.title                     
;The rare crystallographic structure of d(CGCGCG)(2): The natural spermidine molecule bound to the minor groove of left-handed Z-DNA d(CGCGCG)(2) at 10 degrees C
;
_citation.journal_abbrev            Biochem.Biophys.Res.Commun. 
_citation.journal_volume            358 
_citation.page_first                24 
_citation.page_last                 28 
_citation.year                      2007 
_citation.journal_id_ASTM           BBRCA9 
_citation.country                   US 
_citation.journal_id_ISSN           0006-291X 
_citation.journal_id_CSD            0146 
_citation.book_publisher            ? 
_citation.pdbx_database_id_PubMed   17467661 
_citation.pdbx_database_id_DOI      10.1016/j.bbrc.2007.04.026 
# 
loop_
_citation_author.citation_id 
_citation_author.name 
_citation_author.ordinal 
_citation_author.identifier_ORCID 
primary 'Ohishi, H.'   1 ? 
primary 'Tozuka, Y.'   2 ? 
primary 'Da-Yang, Z.'  3 ? 
primary 'Ishida, T.'   4 ? 
primary 'Nakatani, K.' 5 ? 
# 
_cell.entry_id           2ELG 
_cell.length_a           17.847 
_cell.length_b           30.988 
_cell.length_c           44.022 
_cell.angle_alpha        90.00 
_cell.angle_beta         90.00 
_cell.angle_gamma        90.00 
_cell.Z_PDB              8 
_cell.pdbx_unique_axis   ? 
_cell.length_a_esd       ? 
_cell.length_b_esd       ? 
_cell.length_c_esd       ? 
_cell.angle_alpha_esd    ? 
_cell.angle_beta_esd     ? 
_cell.angle_gamma_esd    ? 
# 
_symmetry.entry_id                         2ELG 
_symmetry.space_group_name_H-M             'P 21 21 21' 
_symmetry.pdbx_full_space_group_name_H-M   ? 
_symmetry.cell_setting                     ? 
_symmetry.Int_Tables_number                19 
_symmetry.space_group_name_Hall            ? 
# 
loop_
_entity.id 
_entity.type 
_entity.src_method 
_entity.pdbx_description 
_entity.formula_weight 
_entity.pdbx_number_of_molecules 
_entity.pdbx_ec 
_entity.pdbx_mutation 
_entity.pdbx_fragment 
_entity.details 
1 polymer     syn 
;DNA (5'-D(*DCP*DGP*DCP*DGP*DCP*DG)-3')
;
1810.205 2  ? ? ? ? 
2 non-polymer syn SPERMIDINE                               145.246  1  ? ? ? ? 
3 non-polymer syn 'MAGNESIUM ION'                          24.305   3  ? ? ? ? 
4 non-polymer syn 'SODIUM ION'                             22.990   1  ? ? ? ? 
5 water       nat water                                    18.015   67 ? ? ? ? 
# 
_entity_poly.entity_id                      1 
_entity_poly.type                           polydeoxyribonucleotide 
_entity_poly.nstd_linkage                   no 
_entity_poly.nstd_monomer                   no 
_entity_poly.pdbx_seq_one_letter_code       '(DC)(DG)(DC)(DG)(DC)(DG)' 
_entity_poly.pdbx_seq_one_letter_code_can   CGCGCG 
_entity_poly.pdbx_strand_id                 A,B 
_entity_poly.pdbx_target_identifier         ? 
# 
loop_
_entity_poly_seq.entity_id 
_entity_poly_seq.num 
_entity_poly_seq.mon_id 
_entity_poly_seq.hetero 
1 1 DC n 
1 2 DG n 
1 3 DC n 
1 4 DG n 
1 5 DC n 
1 6 DG n 
# 
_pdbx_entity_src_syn.entity_id              1 
_pdbx_entity_src_syn.pdbx_src_id            1 
_pdbx_entity_src_syn.pdbx_alt_source_flag   sample 
_pdbx_entity_src_syn.pdbx_beg_seq_num       ? 
_pdbx_entity_src_syn.pdbx_end_seq_num       ? 
_pdbx_entity_src_syn.organism_scientific    ? 
_pdbx_entity_src_syn.organism_common_name   ? 
_pdbx_entity_src_syn.ncbi_taxonomy_id       ? 
_pdbx_entity_src_syn.details                'This sequence occurs naturally in humans.' 
# 
_struct_ref.id                         1 
_struct_ref.db_name                    PDB 
_struct_ref.db_code                    2ELG 
_struct_ref.pdbx_db_accession          2ELG 
_struct_ref.entity_id                  1 
_struct_ref.pdbx_align_begin           ? 
_struct_ref.pdbx_seq_one_letter_code   CGCGCG 
_struct_ref.pdbx_db_isoform            ? 
# 
loop_
_struct_ref_seq.align_id 
_struct_ref_seq.ref_id 
_struct_ref_seq.pdbx_PDB_id_code 
_struct_ref_seq.pdbx_strand_id 
_struct_ref_seq.seq_align_beg 
_struct_ref_seq.pdbx_seq_align_beg_ins_code 
_struct_ref_seq.seq_align_end 
_struct_ref_seq.pdbx_seq_align_end_ins_code 
_struct_ref_seq.pdbx_db_accession 
_struct_ref_seq.db_align_beg 
_struct_ref_seq.pdbx_db_align_beg_ins_code 
_struct_ref_seq.db_align_end 
_struct_ref_seq.pdbx_db_align_end_ins_code 
_struct_ref_seq.pdbx_auth_seq_align_beg 
_struct_ref_seq.pdbx_auth_seq_align_end 
1 1 2ELG A 1 ? 6 ? 2ELG 1 ? 6  ? 1 6  
2 1 2ELG B 1 ? 6 ? 2ELG 7 ? 12 ? 7 12 
# 
loop_
_chem_comp.id 
_chem_comp.type 
_chem_comp.mon_nstd_flag 
_chem_comp.name 
_chem_comp.pdbx_synonyms 
_chem_comp.formula 
_chem_comp.formula_weight 
DC  'DNA linking' y "2'-DEOXYCYTIDINE-5'-MONOPHOSPHATE"  ?                                              'C9 H14 N3 O7 P'  307.197 
DG  'DNA linking' y "2'-DEOXYGUANOSINE-5'-MONOPHOSPHATE" ?                                              'C10 H14 N5 O7 P' 347.221 
HOH non-polymer   . WATER                                ?                                              'H2 O'            18.015  
MG  non-polymer   . 'MAGNESIUM ION'                      ?                                              'Mg 2'            24.305  
NA  non-polymer   . 'SODIUM ION'                         ?                                              'Na 1'            22.990  
SPD non-polymer   . SPERMIDINE                           'N-(2-AMINO-PROPYL)-1,4-DIAMINOBUTANE; PA(34)' 'C7 H19 N3'       145.246 
# 
_exptl.entry_id          2ELG 
_exptl.method            'X-RAY DIFFRACTION' 
_exptl.crystals_number   1 
# 
_exptl_crystal.id                    1 
_exptl_crystal.density_meas          ? 
_exptl_crystal.density_Matthews      1.681153 
_exptl_crystal.density_percent_sol   26.835920 
_exptl_crystal.description           ? 
_exptl_crystal.F_000                 ? 
_exptl_crystal.preparation           ? 
# 
_exptl_crystal_grow.crystal_id      1 
_exptl_crystal_grow.method          'VAPOR DIFFUSION, SITTING DROP' 
_exptl_crystal_grow.temp            283 
_exptl_crystal_grow.temp_details    ? 
_exptl_crystal_grow.pH              7.0 
_exptl_crystal_grow.pdbx_details    
;10mM Sodium cacodilate, 1M Magnesium chloride, 100mM spermidine trichloride, 8%MPD, pH 7.0, VAPOR DIFFUSION, SITTING DROP, temperature 283K
;
_exptl_crystal_grow.pdbx_pH_range   . 
# 
loop_
_exptl_crystal_grow_comp.crystal_id 
_exptl_crystal_grow_comp.id 
_exptl_crystal_grow_comp.sol_id 
_exptl_crystal_grow_comp.name 
_exptl_crystal_grow_comp.volume 
_exptl_crystal_grow_comp.conc 
_exptl_crystal_grow_comp.details 
1 1 1 'Sodium cacodilate'      ? ? ? 
1 2 1 'Magnesium chloride'     ? ? ? 
1 3 1 'spermidine trichloride' ? ? ? 
1 4 1 MPD                      ? ? ? 
1 5 1 HOH                      ? ? ? 
1 6 2 'Sodium cacodilate'      ? ? ? 
1 7 2 'Magnesium chloride'     ? ? ? 
1 8 2 MPD                      ? ? ? 
1 9 2 HOH                      ? ? ? 
# 
_diffrn.id                     1 
_diffrn.ambient_temp           95 
_diffrn.ambient_temp_details   ? 
_diffrn.crystal_id             1 
# 
_diffrn_detector.diffrn_id              1 
_diffrn_detector.detector               CCD 
_diffrn_detector.type                   'ADSC QUANTUM 210' 
_diffrn_detector.pdbx_collection_date   2005-12-15 
_diffrn_detector.details                mirrors 
# 
_diffrn_radiation.diffrn_id                        1 
_diffrn_radiation.wavelength_id                    1 
_diffrn_radiation.pdbx_monochromatic_or_laue_m_l   M 
_diffrn_radiation.monochromator                    GRAPHITE 
_diffrn_radiation.pdbx_diffrn_protocol             'SINGLE WAVELENGTH' 
_diffrn_radiation.pdbx_scattering_type             x-ray 
# 
_diffrn_radiation_wavelength.id           1 
_diffrn_radiation_wavelength.wavelength   1.000 
_diffrn_radiation_wavelength.wt           1.0 
# 
_diffrn_source.diffrn_id                   1 
_diffrn_source.source                      SYNCHROTRON 
_diffrn_source.type                        'PHOTON FACTORY BEAMLINE BL-6A' 
_diffrn_source.pdbx_synchrotron_site       'Photon Factory' 
_diffrn_source.pdbx_synchrotron_beamline   BL-6A 
_diffrn_source.pdbx_wavelength             ? 
_diffrn_source.pdbx_wavelength_list        1.000 
# 
_reflns.entry_id                     2ELG 
_reflns.observed_criterion_sigma_F   2.0 
_reflns.observed_criterion_sigma_I   2.0 
_reflns.d_resolution_high            1.0 
_reflns.d_resolution_low             25.0 
_reflns.number_all                   ? 
_reflns.number_obs                   11287 
_reflns.percent_possible_obs         99.5 
_reflns.pdbx_Rmerge_I_obs            0.047 
_reflns.pdbx_Rsym_value              0.057 
_reflns.pdbx_netI_over_sigmaI        20.7 
_reflns.B_iso_Wilson_estimate        5.3 
_reflns.pdbx_redundancy              4.7 
_reflns.R_free_details               ? 
_reflns.pdbx_chi_squared             ? 
_reflns.pdbx_scaling_rejects         ? 
_reflns.pdbx_diffrn_id               1 
_reflns.pdbx_ordinal                 1 
# 
_reflns_shell.d_res_high             1.0 
_reflns_shell.d_res_low              ? 
_reflns_shell.percent_possible_all   99.5 
_reflns_shell.Rmerge_I_obs           0.047 
_reflns_shell.pdbx_Rsym_value        0.057 
_reflns_shell.meanI_over_sigI_obs    20.7 
_reflns_shell.pdbx_redundancy        4.7 
_reflns_shell.percent_possible_obs   ? 
_reflns_shell.number_unique_all      11287 
_reflns_shell.number_measured_all    ? 
_reflns_shell.number_measured_obs    ? 
_reflns_shell.number_unique_obs      ? 
_reflns_shell.pdbx_chi_squared       ? 
_reflns_shell.pdbx_diffrn_id         ? 
_reflns_shell.pdbx_ordinal           1 
# 
_refine.entry_id                                 2ELG 
_refine.ls_d_res_high                            1.0 
_refine.ls_d_res_low                             7.0 
_refine.pdbx_ls_sigma_F                          2.0 
_refine.pdbx_ls_sigma_I                          2.0 
_refine.ls_number_reflns_all                     11287 
_refine.ls_number_reflns_obs                     11232 
_refine.ls_number_reflns_R_free                  520 
_refine.ls_percent_reflns_obs                    99.5 
_refine.ls_R_factor_all                          0.253 
_refine.ls_R_factor_obs                          0.244 
_refine.ls_R_factor_R_work                       0.232 
_refine.ls_R_factor_R_free                       0.247 
_refine.ls_redundancy_reflns_obs                 ? 
_refine.pdbx_data_cutoff_high_absF               ? 
_refine.pdbx_data_cutoff_low_absF                ? 
_refine.ls_number_parameters                     ? 
_refine.ls_number_restraints                     ? 
_refine.ls_percent_reflns_R_free                 ? 
_refine.ls_R_factor_R_free_error                 ? 
_refine.ls_R_factor_R_free_error_details         ? 
_refine.pdbx_method_to_determine_struct          'MOLECULAR REPLACEMENT' 
_refine.pdbx_starting_model                      'PDB ENTRY 1DJ6' 
_refine.pdbx_ls_cross_valid_method               ? 
_refine.pdbx_R_Free_selection_details            random 
_refine.pdbx_stereochem_target_val_spec_case     ? 
_refine.pdbx_stereochemistry_target_values       'Engh & Huber' 
_refine.solvent_model_details                    ? 
_refine.solvent_model_param_bsol                 ? 
_refine.solvent_model_param_ksol                 ? 
_refine.occupancy_max                            ? 
_refine.occupancy_min                            ? 
_refine.pdbx_isotropic_thermal_model             Isotropic 
_refine.B_iso_mean                               5.8 
_refine.aniso_B[1][1]                            ? 
_refine.aniso_B[1][2]                            ? 
_refine.aniso_B[1][3]                            ? 
_refine.aniso_B[2][2]                            ? 
_refine.aniso_B[2][3]                            ? 
_refine.aniso_B[3][3]                            ? 
_refine.details                                  ? 
_refine.correlation_coeff_Fo_to_Fc               ? 
_refine.correlation_coeff_Fo_to_Fc_free          ? 
_refine.pdbx_solvent_vdw_probe_radii             ? 
_refine.pdbx_solvent_ion_probe_radii             ? 
_refine.pdbx_solvent_shrinkage_radii             ? 
_refine.overall_SU_R_Cruickshank_DPI             ? 
_refine.overall_SU_R_free                        ? 
_refine.overall_SU_ML                            ? 
_refine.overall_SU_B                             ? 
_refine.pdbx_overall_ESU_R_Free                  ? 
_refine.pdbx_data_cutoff_high_rms_absF           ? 
_refine.pdbx_overall_ESU_R                       ? 
_refine.ls_wR_factor_R_free                      ? 
_refine.ls_wR_factor_R_work                      ? 
_refine.overall_FOM_free_R_set                   ? 
_refine.overall_FOM_work_R_set                   ? 
_refine.pdbx_overall_phase_error                 ? 
_refine.pdbx_refine_id                           'X-RAY DIFFRACTION' 
_refine.pdbx_diffrn_id                           1 
_refine.pdbx_TLS_residual_ADP_flag               ? 
_refine.pdbx_overall_SU_R_free_Cruickshank_DPI   ? 
_refine.pdbx_overall_SU_R_Blow_DPI               ? 
_refine.pdbx_overall_SU_R_free_Blow_DPI          ? 
# 
_refine_hist.pdbx_refine_id                   'X-RAY DIFFRACTION' 
_refine_hist.cycle_id                         LAST 
_refine_hist.pdbx_number_atoms_protein        0 
_refine_hist.pdbx_number_atoms_nucleic_acid   273 
_refine_hist.pdbx_number_atoms_ligand         36 
_refine_hist.number_atoms_solvent             201 
_refine_hist.number_atoms_total               510 
_refine_hist.d_res_high                       1.0 
_refine_hist.d_res_low                        7.0 
# 
_struct.entry_id                  2ELG 
_struct.title                     
;The rare crystallographic structure of d(CGCGCG)2: The natural spermidine molecule bound to the minor groove of left-handed Z-DNA d(CGCGCG)2 at 10 degree celsius
;
_struct.pdbx_model_details        ? 
_struct.pdbx_CASP_flag            ? 
_struct.pdbx_model_type_details   ? 
# 
_struct_keywords.entry_id        2ELG 
_struct_keywords.pdbx_keywords   DNA 
_struct_keywords.text            'd(CGCGCG)2, left-handed Z-DNA, spermidine, polyamine, DNA' 
# 
loop_
_struct_asym.id 
_struct_asym.pdbx_blank_PDB_chainid_flag 
_struct_asym.pdbx_modified 
_struct_asym.entity_id 
_struct_asym.details 
A N N 1 ? 
B N N 1 ? 
C N N 2 ? 
D N N 3 ? 
E N N 3 ? 
F N N 3 ? 
G N N 4 ? 
H N N 5 ? 
I N N 5 ? 
# 
_struct_biol.id        1 
_struct_biol.details   ? 
# 
loop_
_struct_conn.id 
_struct_conn.conn_type_id 
_struct_conn.pdbx_leaving_atom_flag 
_struct_conn.pdbx_PDB_id 
_struct_conn.ptnr1_label_asym_id 
_struct_conn.ptnr1_label_comp_id 
_struct_conn.ptnr1_label_seq_id 
_struct_conn.ptnr1_label_atom_id 
_struct_conn.pdbx_ptnr1_label_alt_id 
_struct_conn.pdbx_ptnr1_PDB_ins_code 
_struct_conn.pdbx_ptnr1_standard_comp_id 
_struct_conn.ptnr1_symmetry 
_struct_conn.ptnr2_label_asym_id 
_struct_conn.ptnr2_label_comp_id 
_struct_conn.ptnr2_label_seq_id 
_struct_conn.ptnr2_label_atom_id 
_struct_conn.pdbx_ptnr2_label_alt_id 
_struct_conn.pdbx_ptnr2_PDB_ins_code 
_struct_conn.ptnr1_auth_asym_id 
_struct_conn.ptnr1_auth_comp_id 
_struct_conn.ptnr1_auth_seq_id 
_struct_conn.ptnr2_auth_asym_id 
_struct_conn.ptnr2_auth_comp_id 
_struct_conn.ptnr2_auth_seq_id 
_struct_conn.ptnr2_symmetry 
_struct_conn.pdbx_ptnr3_label_atom_id 
_struct_conn.pdbx_ptnr3_label_seq_id 
_struct_conn.pdbx_ptnr3_label_comp_id 
_struct_conn.pdbx_ptnr3_label_asym_id 
_struct_conn.pdbx_ptnr3_label_alt_id 
_struct_conn.pdbx_ptnr3_PDB_ins_code 
_struct_conn.details 
_struct_conn.pdbx_dist_value 
_struct_conn.pdbx_value_order 
_struct_conn.pdbx_role 
hydrog1  hydrog ? ? A DC 1 N3 ? ? ? 1_555 B DG 6 N1 ? ? A DC 1 B DG 12 1_555 ? ? ? ? ? ? WATSON-CRICK ? ? ? 
hydrog2  hydrog ? ? A DC 1 N4 ? ? ? 1_555 B DG 6 O6 ? ? A DC 1 B DG 12 1_555 ? ? ? ? ? ? WATSON-CRICK ? ? ? 
hydrog3  hydrog ? ? A DC 1 O2 ? ? ? 1_555 B DG 6 N2 ? ? A DC 1 B DG 12 1_555 ? ? ? ? ? ? WATSON-CRICK ? ? ? 
hydrog4  hydrog ? ? A DG 2 N1 ? ? ? 1_555 B DC 5 N3 ? ? A DG 2 B DC 11 1_555 ? ? ? ? ? ? WATSON-CRICK ? ? ? 
hydrog5  hydrog ? ? A DG 2 N2 ? ? ? 1_555 B DC 5 O2 ? ? A DG 2 B DC 11 1_555 ? ? ? ? ? ? WATSON-CRICK ? ? ? 
hydrog6  hydrog ? ? A DG 2 O6 ? ? ? 1_555 B DC 5 N4 ? ? A DG 2 B DC 11 1_555 ? ? ? ? ? ? WATSON-CRICK ? ? ? 
hydrog7  hydrog ? ? A DC 3 N3 ? ? ? 1_555 B DG 4 N1 ? ? A DC 3 B DG 10 1_555 ? ? ? ? ? ? WATSON-CRICK ? ? ? 
hydrog8  hydrog ? ? A DC 3 N4 ? ? ? 1_555 B DG 4 O6 ? ? A DC 3 B DG 10 1_555 ? ? ? ? ? ? WATSON-CRICK ? ? ? 
hydrog9  hydrog ? ? A DC 3 O2 ? ? ? 1_555 B DG 4 N2 ? ? A DC 3 B DG 10 1_555 ? ? ? ? ? ? WATSON-CRICK ? ? ? 
hydrog10 hydrog ? ? A DG 4 N1 ? ? ? 1_555 B DC 3 N3 ? ? A DG 4 B DC 9  1_555 ? ? ? ? ? ? WATSON-CRICK ? ? ? 
hydrog11 hydrog ? ? A DG 4 N2 ? ? ? 1_555 B DC 3 O2 ? ? A DG 4 B DC 9  1_555 ? ? ? ? ? ? WATSON-CRICK ? ? ? 
hydrog12 hydrog ? ? A DG 4 O6 ? ? ? 1_555 B DC 3 N4 ? ? A DG 4 B DC 9  1_555 ? ? ? ? ? ? WATSON-CRICK ? ? ? 
hydrog13 hydrog ? ? A DC 5 N3 ? ? ? 1_555 B DG 2 N1 ? ? A DC 5 B DG 8  1_555 ? ? ? ? ? ? WATSON-CRICK ? ? ? 
hydrog14 hydrog ? ? A DC 5 N4 ? ? ? 1_555 B DG 2 O6 ? ? A DC 5 B DG 8  1_555 ? ? ? ? ? ? WATSON-CRICK ? ? ? 
hydrog15 hydrog ? ? A DC 5 O2 ? ? ? 1_555 B DG 2 N2 ? ? A DC 5 B DG 8  1_555 ? ? ? ? ? ? WATSON-CRICK ? ? ? 
hydrog16 hydrog ? ? A DG 6 N1 ? ? ? 1_555 B DC 1 N3 ? ? A DG 6 B DC 7  1_555 ? ? ? ? ? ? WATSON-CRICK ? ? ? 
hydrog17 hydrog ? ? A DG 6 N2 ? ? ? 1_555 B DC 1 O2 ? ? A DG 6 B DC 7  1_555 ? ? ? ? ? ? WATSON-CRICK ? ? ? 
hydrog18 hydrog ? ? A DG 6 O6 ? ? ? 1_555 B DC 1 N4 ? ? A DG 6 B DC 7  1_555 ? ? ? ? ? ? WATSON-CRICK ? ? ? 
# 
_struct_conn_type.id          hydrog 
_struct_conn_type.criteria    ? 
_struct_conn_type.reference   ? 
# 
loop_
_struct_site.id 
_struct_site.pdbx_evidence_code 
_struct_site.pdbx_auth_asym_id 
_struct_site.pdbx_auth_comp_id 
_struct_site.pdbx_auth_seq_id 
_struct_site.pdbx_auth_ins_code 
_struct_site.pdbx_num_residues 
_struct_site.details 
AC1 Software A SPD 120 ? 7 'BINDING SITE FOR RESIDUE SPD A 120' 
AC2 Software A MG  92  ? 1 'BINDING SITE FOR RESIDUE MG A 92'   
# 
loop_
_struct_site_gen.id 
_struct_site_gen.site_id 
_struct_site_gen.pdbx_num_res 
_struct_site_gen.label_comp_id 
_struct_site_gen.label_asym_id 
_struct_site_gen.label_seq_id 
_struct_site_gen.pdbx_auth_ins_code 
_struct_site_gen.auth_comp_id 
_struct_site_gen.auth_asym_id 
_struct_site_gen.auth_seq_id 
_struct_site_gen.label_atom_id 
_struct_site_gen.label_alt_id 
_struct_site_gen.symmetry 
_struct_site_gen.details 
1 AC1 7 DC A 1 ? DC A 1  . ? 4_445 ? 
2 AC1 7 DC A 5 ? DC A 5  . ? 3_545 ? 
3 AC1 7 DG A 6 ? DG A 6  . ? 3_545 ? 
4 AC1 7 DC B 1 ? DC B 7  . ? 3_545 ? 
5 AC1 7 DG B 2 ? DG B 8  . ? 3_545 ? 
6 AC1 7 DC B 3 ? DC B 9  . ? 3_545 ? 
7 AC1 7 DG B 6 ? DG B 12 . ? 4_445 ? 
8 AC2 1 DG A 6 ? DG A 6  . ? 1_555 ? 
# 
_atom_sites.entry_id                    2ELG 
_atom_sites.fract_transf_matrix[1][1]   -0.04266754 
_atom_sites.fract_transf_matrix[1][2]   0.01473894 
_atom_sites.fract_transf_matrix[1][3]   -0.03319382 
_atom_sites.fract_transf_matrix[2][1]   0.00436669 
_atom_sites.fract_transf_matrix[2][2]   0.03092620 
_atom_sites.fract_transf_matrix[2][3]   0.00811909 
_atom_sites.fract_transf_matrix[3][1]   0.01439970 
_atom_sites.fract_transf_matrix[3][2]   0.00253107 
_atom_sites.fract_transf_matrix[3][3]   -0.01738560 
_atom_sites.fract_transf_vector[1]      0.238601 
_atom_sites.fract_transf_vector[2]      -0.024480 
_atom_sites.fract_transf_vector[3]      0.153178 
# 
loop_
_atom_type.symbol 
C  
H  
MG 
N  
NA 
O  
P  
# 
loop_
_atom_site.group_PDB 
_atom_site.id 
_atom_site.type_symbol 
_atom_site.label_atom_id 
_atom_site.label_alt_id 
_atom_site.label_comp_id 
_atom_site.label_asym_id 
_atom_site.label_entity_id 
_atom_site.label_seq_id 
_atom_site.pdbx_PDB_ins_code 
_atom_site.Cartn_x 
_atom_site.Cartn_y 
_atom_site.Cartn_z 
_atom_site.occupancy 
_atom_site.B_iso_or_equiv 
_atom_site.pdbx_formal_charge 
_atom_site.auth_seq_id 
_atom_site.auth_comp_id 
_atom_site.auth_asym_id 
_atom_site.auth_atom_id 
_atom_site.pdbx_PDB_model_num 
ATOM   1   O  "O5'"  . DC  A 1 1 ? -11.449 3.030   5.429   1.00 2.00  ? 1   DC  A "O5'"  1 
ATOM   2   C  "C5'"  . DC  A 1 1 ? -11.324 2.346   4.128   1.00 2.02  ? 1   DC  A "C5'"  1 
ATOM   3   C  "C4'"  . DC  A 1 1 ? -10.400 1.142   4.309   1.00 2.34  ? 1   DC  A "C4'"  1 
ATOM   4   O  "O4'"  . DC  A 1 1 ? -9.063  1.527   4.874   1.00 2.23  ? 1   DC  A "O4'"  1 
ATOM   5   C  "C3'"  . DC  A 1 1 ? -10.987 0.246   5.426   1.00 2.62  ? 1   DC  A "C3'"  1 
ATOM   6   O  "O3'"  . DC  A 1 1 ? -10.582 -1.067  5.041   1.00 2.96  ? 1   DC  A "O3'"  1 
ATOM   7   C  "C2'"  . DC  A 1 1 ? -10.177 0.572   6.775   1.00 2.36  ? 1   DC  A "C2'"  1 
ATOM   8   C  "C1'"  . DC  A 1 1 ? -8.787  0.879   6.154   1.00 2.47  ? 1   DC  A "C1'"  1 
ATOM   9   N  N1     . DC  A 1 1 ? -8.056  1.857   7.022   1.00 2.39  ? 1   DC  A N1     1 
ATOM   10  C  C2     . DC  A 1 1 ? -7.102  1.332   7.943   1.00 2.39  ? 1   DC  A C2     1 
ATOM   11  O  O2     . DC  A 1 1 ? -6.931  0.096   8.034   1.00 2.72  ? 1   DC  A O2     1 
ATOM   12  N  N3     . DC  A 1 1 ? -6.441  2.237   8.740   1.00 2.00  ? 1   DC  A N3     1 
ATOM   13  C  C4     . DC  A 1 1 ? -6.678  3.573   8.682   1.00 2.44  ? 1   DC  A C4     1 
ATOM   14  N  N4     . DC  A 1 1 ? -5.938  4.401   9.471   1.00 2.61  ? 1   DC  A N4     1 
ATOM   15  C  C5     . DC  A 1 1 ? -7.652  4.117   7.743   1.00 2.55  ? 1   DC  A C5     1 
ATOM   16  C  C6     . DC  A 1 1 ? -8.316  3.221   6.945   1.00 2.37  ? 1   DC  A C6     1 
ATOM   17  H  H41    . DC  A 1 1 ? -6.112  5.392   9.375   1.00 15.00 ? 1   DC  A H41    1 
ATOM   18  H  H42    . DC  A 1 1 ? -5.184  4.010   10.021  1.00 15.00 ? 1   DC  A H42    1 
ATOM   19  P  P      . DG  A 1 2 ? -11.603 -2.111  4.242   1.00 2.88  ? 2   DG  A P      1 
ATOM   20  O  OP1    . DG  A 1 2 ? -13.054 -1.825  4.688   1.00 3.15  ? 2   DG  A OP1    1 
ATOM   21  O  OP2    . DG  A 1 2 ? -10.987 -3.545  4.360   1.00 3.53  ? 2   DG  A OP2    1 
ATOM   22  O  "O5'"  . DG  A 1 2 ? -11.493 -1.592  2.696   1.00 3.20  ? 2   DG  A "O5'"  1 
ATOM   23  C  "C5'"  . DG  A 1 2 ? -10.202 -1.622  1.974   1.00 2.55  ? 2   DG  A "C5'"  1 
ATOM   24  C  "C4'"  . DG  A 1 2 ? -10.514 -0.838  0.789   1.00 2.88  ? 2   DG  A "C4'"  1 
ATOM   25  O  "O4'"  . DG  A 1 2 ? -10.723 0.513   1.292   1.00 2.61  ? 2   DG  A "O4'"  1 
ATOM   26  C  "C3'"  . DG  A 1 2 ? -9.217  -0.815  0.022   1.00 3.09  ? 2   DG  A "C3'"  1 
ATOM   27  O  "O3'"  . DG  A 1 2 ? -9.314  -1.861  -0.903  1.00 4.23  ? 2   DG  A "O3'"  1 
ATOM   28  C  "C2'"  . DG  A 1 2 ? -9.215  0.519   -0.709  1.00 2.93  ? 2   DG  A "C2'"  1 
ATOM   29  C  "C1'"  . DG  A 1 2 ? -10.139 1.352   0.219   1.00 2.96  ? 2   DG  A "C1'"  1 
ATOM   30  N  N9     . DG  A 1 2 ? -9.340  2.400   0.860   1.00 2.28  ? 2   DG  A N9     1 
ATOM   31  C  C8     . DG  A 1 2 ? -9.686  3.748   0.870   1.00 2.20  ? 2   DG  A C8     1 
ATOM   32  N  N7     . DG  A 1 2 ? -8.948  4.441   1.723   1.00 2.87  ? 2   DG  A N7     1 
ATOM   33  C  C5     . DG  A 1 2 ? -8.138  3.458   2.408   1.00 2.48  ? 2   DG  A C5     1 
ATOM   34  C  C6     . DG  A 1 2 ? -7.052  3.628   3.384   1.00 2.71  ? 2   DG  A C6     1 
ATOM   35  O  O6     . DG  A 1 2 ? -6.725  4.663   3.993   1.00 2.72  ? 2   DG  A O6     1 
ATOM   36  N  N1     . DG  A 1 2 ? -6.359  2.435   3.620   1.00 2.19  ? 2   DG  A N1     1 
ATOM   37  C  C2     . DG  A 1 2 ? -6.709  1.220   3.060   1.00 2.81  ? 2   DG  A C2     1 
ATOM   38  N  N2     . DG  A 1 2 ? -6.072  0.144   3.521   1.00 2.16  ? 2   DG  A N2     1 
ATOM   39  N  N3     . DG  A 1 2 ? -7.654  1.074   2.114   1.00 2.00  ? 2   DG  A N3     1 
ATOM   40  C  C4     . DG  A 1 2 ? -8.337  2.215   1.836   1.00 2.68  ? 2   DG  A C4     1 
ATOM   41  H  H1     . DG  A 1 2 ? -5.617  2.470   4.300   1.00 15.00 ? 2   DG  A H1     1 
ATOM   42  H  H21    . DG  A 1 2 ? -6.307  -0.752  3.121   1.00 15.00 ? 2   DG  A H21    1 
ATOM   43  H  H22    . DG  A 1 2 ? -5.394  0.217   4.265   1.00 15.00 ? 2   DG  A H22    1 
ATOM   44  P  P      . DC  A 1 3 ? -8.136  -3.080  -0.865  1.00 7.16  ? 3   DC  A P      1 
ATOM   45  O  OP1    . DC  A 1 3 ? -8.453  -4.002  -2.092  1.00 6.93  ? 3   DC  A OP1    1 
ATOM   46  O  OP2    . DC  A 1 3 ? -8.136  -3.705  0.622   1.00 7.12  ? 3   DC  A OP2    1 
ATOM   47  O  "O5'"  . DC  A 1 3 ? -6.721  -2.310  -1.288  1.00 4.42  ? 3   DC  A "O5'"  1 
ATOM   48  C  "C5'"  . DC  A 1 3 ? -5.737  -3.127  -2.001  1.00 4.15  ? 3   DC  A "C5'"  1 
ATOM   49  C  "C4'"  . DC  A 1 3 ? -4.428  -3.064  -1.220  1.00 3.62  ? 3   DC  A "C4'"  1 
ATOM   50  O  "O4'"  . DC  A 1 3 ? -3.931  -1.686  -1.243  1.00 3.42  ? 3   DC  A "O4'"  1 
ATOM   51  C  "C3'"  . DC  A 1 3 ? -4.637  -3.408  0.287   1.00 3.89  ? 3   DC  A "C3'"  1 
ATOM   52  O  "O3'"  . DC  A 1 3 ? -3.336  -3.880  0.690   1.00 4.88  ? 3   DC  A "O3'"  1 
ATOM   53  C  "C2'"  . DC  A 1 3 ? -4.882  -2.093  0.965   1.00 3.79  ? 3   DC  A "C2'"  1 
ATOM   54  C  "C1'"  . DC  A 1 3 ? -3.883  -1.264  0.141   1.00 3.91  ? 3   DC  A "C1'"  1 
ATOM   55  N  N1     . DC  A 1 3 ? -4.230  0.178   0.156   1.00 3.56  ? 3   DC  A N1     1 
ATOM   56  C  C2     . DC  A 1 3 ? -3.576  0.981   1.111   1.00 3.65  ? 3   DC  A C2     1 
ATOM   57  O  O2     . DC  A 1 3 ? -2.734  0.481   1.871   1.00 3.08  ? 3   DC  A O2     1 
ATOM   58  N  N3     . DC  A 1 3 ? -3.945  2.304   1.255   1.00 2.80  ? 3   DC  A N3     1 
ATOM   59  C  C4     . DC  A 1 3 ? -4.865  2.851   0.431   1.00 3.58  ? 3   DC  A C4     1 
ATOM   60  N  N4     . DC  A 1 3 ? -5.131  4.195   0.622   1.00 3.53  ? 3   DC  A N4     1 
ATOM   61  C  C5     . DC  A 1 3 ? -5.535  2.026   -0.611  1.00 3.94  ? 3   DC  A C5     1 
ATOM   62  C  C6     . DC  A 1 3 ? -5.202  0.695   -0.683  1.00 3.50  ? 3   DC  A C6     1 
ATOM   63  H  H41    . DC  A 1 3 ? -5.816  4.650   0.036   1.00 15.00 ? 3   DC  A H41    1 
ATOM   64  H  H42    . DC  A 1 3 ? -4.679  4.684   1.384   1.00 15.00 ? 3   DC  A H42    1 
ATOM   65  P  P      . DG  A 1 4 ? -2.993  -5.527  0.668   1.00 6.79  ? 4   DG  A P      1 
ATOM   66  O  OP1    . DG  A 1 4 ? -4.206  -6.289  1.149   1.00 6.40  ? 4   DG  A OP1    1 
ATOM   67  O  OP2    . DG  A 1 4 ? -1.597  -5.618  1.330   1.00 6.93  ? 4   DG  A OP2    1 
ATOM   68  O  "O5'"  . DG  A 1 4 ? -2.882  -6.002  -0.967  1.00 4.88  ? 4   DG  A "O5'"  1 
ATOM   69  C  "C5'"  . DG  A 1 4 ? -1.722  -5.450  -1.682  1.00 3.69  ? 4   DG  A "C5'"  1 
ATOM   70  C  "C4'"  . DG  A 1 4 ? -1.964  -5.857  -3.124  1.00 3.18  ? 4   DG  A "C4'"  1 
ATOM   71  O  "O4'"  . DG  A 1 4 ? -3.198  -5.266  -3.542  1.00 2.56  ? 4   DG  A "O4'"  1 
ATOM   72  C  "C3'"  . DG  A 1 4 ? -0.864  -5.405  -4.050  1.00 2.71  ? 4   DG  A "C3'"  1 
ATOM   73  O  "O3'"  . DG  A 1 4 ? 0.019   -6.501  -4.035  1.00 2.96  ? 4   DG  A "O3'"  1 
ATOM   74  C  "C2'"  . DG  A 1 4 ? -1.593  -5.266  -5.383  1.00 2.53  ? 4   DG  A "C2'"  1 
ATOM   75  C  "C1'"  . DG  A 1 4 ? -3.047  -4.924  -4.931  1.00 2.83  ? 4   DG  A "C1'"  1 
ATOM   76  N  N9     . DG  A 1 4 ? -3.424  -3.493  -4.961  1.00 2.54  ? 4   DG  A N9     1 
ATOM   77  C  C8     . DG  A 1 4 ? -4.606  -3.035  -5.578  1.00 2.88  ? 4   DG  A C8     1 
ATOM   78  N  N7     . DG  A 1 4 ? -4.721  -1.714  -5.504  1.00 2.34  ? 4   DG  A N7     1 
ATOM   79  C  C5     . DG  A 1 4 ? -3.668  -1.301  -4.584  1.00 2.66  ? 4   DG  A C5     1 
ATOM   80  C  C6     . DG  A 1 4 ? -3.429  0.020   -3.953  1.00 2.63  ? 4   DG  A C6     1 
ATOM   81  O  O6     . DG  A 1 4 ? -3.982  1.087   -4.212  1.00 2.76  ? 4   DG  A O6     1 
ATOM   82  N  N1     . DG  A 1 4 ? -2.366  -0.044  -2.976  1.00 2.50  ? 4   DG  A N1     1 
ATOM   83  C  C2     . DG  A 1 4 ? -1.585  -1.214  -2.721  1.00 2.65  ? 4   DG  A C2     1 
ATOM   84  N  N2     . DG  A 1 4 ? -0.559  -1.089  -1.868  1.00 2.17  ? 4   DG  A N2     1 
ATOM   85  N  N3     . DG  A 1 4 ? -1.852  -2.444  -3.273  1.00 2.55  ? 4   DG  A N3     1 
ATOM   86  C  C4     . DG  A 1 4 ? -2.869  -2.399  -4.232  1.00 2.75  ? 4   DG  A C4     1 
ATOM   87  H  H1     . DG  A 1 4 ? -2.231  0.773   -2.406  1.00 15.00 ? 4   DG  A H1     1 
ATOM   88  H  H21    . DG  A 1 4 ? -0.025  -1.912  -1.629  1.00 15.00 ? 4   DG  A H21    1 
ATOM   89  H  H22    . DG  A 1 4 ? -0.375  -0.203  -1.428  1.00 15.00 ? 4   DG  A H22    1 
ATOM   90  P  P      . DC  A 1 5 ? 1.428   -6.589  -4.874  1.00 2.61  ? 5   DC  A P      1 
ATOM   91  O  OP1    . DC  A 1 5 ? 1.172   -6.102  -6.305  1.00 3.84  ? 5   DC  A OP1    1 
ATOM   92  O  OP2    . DC  A 1 5 ? 2.029   -7.983  -4.602  1.00 3.78  ? 5   DC  A OP2    1 
ATOM   93  O  "O5'"  . DC  A 1 5 ? 2.287   -5.406  -4.012  1.00 2.37  ? 5   DC  A "O5'"  1 
ATOM   94  C  "C5'"  . DC  A 1 5 ? 3.710   -5.316  -4.315  1.00 2.00  ? 5   DC  A "C5'"  1 
ATOM   95  C  "C4'"  . DC  A 1 5 ? 4.147   -3.981  -3.764  1.00 2.00  ? 5   DC  A "C4'"  1 
ATOM   96  O  "O4'"  . DC  A 1 5 ? 3.648   -2.935  -4.656  1.00 2.00  ? 5   DC  A "O4'"  1 
ATOM   97  C  "C3'"  . DC  A 1 5 ? 3.591   -3.669  -2.301  1.00 2.61  ? 5   DC  A "C3'"  1 
ATOM   98  O  "O3'"  . DC  A 1 5 ? 4.692   -2.886  -1.747  1.00 2.69  ? 5   DC  A "O3'"  1 
ATOM   99  C  "C2'"  . DC  A 1 5 ? 2.419   -2.682  -2.603  1.00 2.48  ? 5   DC  A "C2'"  1 
ATOM   100 C  "C1'"  . DC  A 1 5 ? 2.992   -1.926  -3.842  1.00 2.00  ? 5   DC  A "C1'"  1 
ATOM   101 N  N1     . DC  A 1 5 ? 1.916   -1.405  -4.696  1.00 2.00  ? 5   DC  A N1     1 
ATOM   102 C  C2     . DC  A 1 5 ? 1.483   -0.059  -4.435  1.00 2.00  ? 5   DC  A C2     1 
ATOM   103 O  O2     . DC  A 1 5 ? 2.135   0.666   -3.657  1.00 2.00  ? 5   DC  A O2     1 
ATOM   104 N  N3     . DC  A 1 5 ? 0.363   0.430   -5.090  1.00 2.00  ? 5   DC  A N3     1 
ATOM   105 C  C4     . DC  A 1 5 ? -0.304  -0.370  -5.941  1.00 2.21  ? 5   DC  A C4     1 
ATOM   106 N  N4     . DC  A 1 5 ? -1.443  0.183   -6.478  1.00 2.45  ? 5   DC  A N4     1 
ATOM   107 C  C5     . DC  A 1 5 ? 0.107   -1.784  -6.208  1.00 2.00  ? 5   DC  A C5     1 
ATOM   108 C  C6     . DC  A 1 5 ? 1.210   -2.261  -5.572  1.00 2.27  ? 5   DC  A C6     1 
ATOM   109 H  H41    . DC  A 1 5 ? -2.020  -0.400  -7.074  1.00 15.00 ? 5   DC  A H41    1 
ATOM   110 H  H42    . DC  A 1 5 ? -1.706  1.136   -6.282  1.00 15.00 ? 5   DC  A H42    1 
ATOM   111 P  P      . DG  A 1 6 ? 5.705   -3.848  -0.772  1.00 3.29  ? 6   DG  A P      1 
ATOM   112 O  OP1    . DG  A 1 6 ? 4.892   -4.876  0.011   1.00 3.76  ? 6   DG  A OP1    1 
ATOM   113 O  OP2    . DG  A 1 6 ? 6.600   -2.819  -0.073  1.00 4.48  ? 6   DG  A OP2    1 
ATOM   114 O  "O5'"  . DG  A 1 6 ? 6.614   -4.738  -1.840  1.00 2.91  ? 6   DG  A "O5'"  1 
ATOM   115 C  "C5'"  . DG  A 1 6 ? 7.764   -4.104  -2.459  1.00 3.15  ? 6   DG  A "C5'"  1 
ATOM   116 C  "C4'"  . DG  A 1 6 ? 8.462   -5.238  -3.215  1.00 2.60  ? 6   DG  A "C4'"  1 
ATOM   117 O  "O4'"  . DG  A 1 6 ? 7.529   -5.696  -4.256  1.00 2.55  ? 6   DG  A "O4'"  1 
ATOM   118 C  "C3'"  . DG  A 1 6 ? 9.617   -4.661  -3.962  1.00 2.49  ? 6   DG  A "C3'"  1 
ATOM   119 O  "O3'"  . DG  A 1 6 ? 10.613  -5.651  -4.161  1.00 2.28  ? 6   DG  A "O3'"  1 
ATOM   120 C  "C2'"  . DG  A 1 6 ? 9.017   -4.262  -5.367  1.00 2.49  ? 6   DG  A "C2'"  1 
ATOM   121 C  "C1'"  . DG  A 1 6 ? 8.005   -5.404  -5.584  1.00 2.03  ? 6   DG  A "C1'"  1 
ATOM   122 N  N9     . DG  A 1 6 ? 6.832   -5.051  -6.426  1.00 2.25  ? 6   DG  A N9     1 
ATOM   123 C  C8     . DG  A 1 6 ? 6.081   -5.989  -7.195  1.00 2.41  ? 6   DG  A C8     1 
ATOM   124 N  N7     . DG  A 1 6 ? 5.108   -5.407  -7.900  1.00 2.09  ? 6   DG  A N7     1 
ATOM   125 C  C5     . DG  A 1 6 ? 5.173   -4.012  -7.489  1.00 2.00  ? 6   DG  A C5     1 
ATOM   126 C  C6     . DG  A 1 6 ? 4.264   -2.928  -7.819  1.00 2.00  ? 6   DG  A C6     1 
ATOM   127 O  O6     . DG  A 1 6 ? 3.255   -3.021  -8.535  1.00 2.00  ? 6   DG  A O6     1 
ATOM   128 N  N1     . DG  A 1 6 ? 4.642   -1.721  -7.207  1.00 2.00  ? 6   DG  A N1     1 
ATOM   129 C  C2     . DG  A 1 6 ? 5.669   -1.638  -6.230  1.00 2.00  ? 6   DG  A C2     1 
ATOM   130 N  N2     . DG  A 1 6 ? 5.856   -0.439  -5.686  1.00 2.00  ? 6   DG  A N2     1 
ATOM   131 N  N3     . DG  A 1 6 ? 6.416   -2.677  -5.741  1.00 2.00  ? 6   DG  A N3     1 
ATOM   132 C  C4     . DG  A 1 6 ? 6.162   -3.812  -6.513  1.00 2.08  ? 6   DG  A C4     1 
ATOM   133 H  "HO3'" . DG  A 1 6 ? 10.209  -6.385  -4.636  1.00 15.00 ? 6   DG  A "HO3'" 1 
ATOM   134 H  H1     . DG  A 1 6 ? 4.076   -0.909  -7.395  1.00 15.00 ? 6   DG  A H1     1 
ATOM   135 H  H21    . DG  A 1 6 ? 6.545   -0.338  -4.957  1.00 15.00 ? 6   DG  A H21    1 
ATOM   136 H  H22    . DG  A 1 6 ? 5.274   0.327   -5.985  1.00 15.00 ? 6   DG  A H22    1 
ATOM   137 O  "O5'"  . DC  B 1 1 ? 1.012   6.298   -9.006  1.00 4.69  ? 7   DC  B "O5'"  1 
ATOM   138 C  "C5'"  . DC  B 1 1 ? 0.952   6.974   -7.681  1.00 4.22  ? 7   DC  B "C5'"  1 
ATOM   139 C  "C4'"  . DC  B 1 1 ? 1.864   6.251   -6.628  1.00 3.69  ? 7   DC  B "C4'"  1 
ATOM   140 O  "O4'"  . DC  B 1 1 ? 1.512   4.829   -6.363  1.00 3.40  ? 7   DC  B "O4'"  1 
ATOM   141 C  "C3'"  . DC  B 1 1 ? 3.333   6.273   -7.143  1.00 3.93  ? 7   DC  B "C3'"  1 
ATOM   142 O  "O3'"  . DC  B 1 1 ? 4.153   6.400   -5.954  1.00 4.74  ? 7   DC  B "O3'"  1 
ATOM   143 C  "C2'"  . DC  B 1 1 ? 3.559   4.869   -7.709  1.00 3.27  ? 7   DC  B "C2'"  1 
ATOM   144 C  "C1'"  . DC  B 1 1 ? 2.687   4.052   -6.708  1.00 2.81  ? 7   DC  B "C1'"  1 
ATOM   145 N  N1     . DC  B 1 1 ? 2.317   2.832   -7.436  1.00 2.78  ? 7   DC  B N1     1 
ATOM   146 C  C2     . DC  B 1 1 ? 3.085   1.689   -7.104  1.00 2.93  ? 7   DC  B C2     1 
ATOM   147 O  O2     . DC  B 1 1 ? 4.064   1.784   -6.327  1.00 2.00  ? 7   DC  B O2     1 
ATOM   148 N  N3     . DC  B 1 1 ? 2.744   0.456   -7.710  1.00 2.00  ? 7   DC  B N3     1 
ATOM   149 C  C4     . DC  B 1 1 ? 1.720   0.398   -8.625  1.00 2.44  ? 7   DC  B C4     1 
ATOM   150 N  N4     . DC  B 1 1 ? 1.478   -0.789  -9.243  1.00 2.00  ? 7   DC  B N4     1 
ATOM   151 C  C5     . DC  B 1 1 ? 0.850   1.550   -8.890  1.00 2.36  ? 7   DC  B C5     1 
ATOM   152 C  C6     . DC  B 1 1 ? 1.193   2.741   -8.289  1.00 2.52  ? 7   DC  B C6     1 
ATOM   153 H  H41    . DC  B 1 1 ? 0.704   -0.869  -9.891  1.00 15.00 ? 7   DC  B H41    1 
ATOM   154 H  H42    . DC  B 1 1 ? 2.094   -1.562  -9.041  1.00 15.00 ? 7   DC  B H42    1 
ATOM   155 H  "HO5'" . DC  B 1 1 ? 0.675   5.415   -8.835  1.00 15.00 ? 7   DC  B "HO5'" 1 
ATOM   156 P  P      . DG  B 1 2 ? 4.500   7.932   -5.360  1.00 4.58  ? 8   DG  B P      1 
ATOM   157 O  OP1    . DG  B 1 2 ? 4.809   8.772   -6.599  1.00 5.59  ? 8   DG  B OP1    1 
ATOM   158 O  OP2    . DG  B 1 2 ? 5.564   7.641   -4.308  1.00 5.60  ? 8   DG  B OP2    1 
ATOM   159 O  "O5'"  . DG  B 1 2 ? 3.161   8.552   -4.645  1.00 3.83  ? 8   DG  B "O5'"  1 
ATOM   160 C  "C5'"  . DG  B 1 2 ? 2.702   7.979   -3.379  1.00 3.68  ? 8   DG  B "C5'"  1 
ATOM   161 C  "C4'"  . DG  B 1 2 ? 1.363   8.625   -3.139  1.00 3.00  ? 8   DG  B "C4'"  1 
ATOM   162 O  "O4'"  . DG  B 1 2 ? 0.498   8.463   -4.325  1.00 2.33  ? 8   DG  B "O4'"  1 
ATOM   163 C  "C3'"  . DG  B 1 2 ? 0.663   7.982   -1.880  1.00 3.14  ? 8   DG  B "C3'"  1 
ATOM   164 O  "O3'"  . DG  B 1 2 ? 0.740   8.957   -0.824  1.00 3.29  ? 8   DG  B "O3'"  1 
ATOM   165 C  "C2'"  . DG  B 1 2 ? -0.801  7.926   -2.197  1.00 3.11  ? 8   DG  B "C2'"  1 
ATOM   166 C  "C1'"  . DG  B 1 2 ? -0.827  8.156   -3.745  1.00 2.83  ? 8   DG  B "C1'"  1 
ATOM   167 N  N9     . DG  B 1 2 ? -1.390  6.959   -4.449  1.00 2.38  ? 8   DG  B N9     1 
ATOM   168 C  C8     . DG  B 1 2 ? -2.444  6.970   -5.410  1.00 2.87  ? 8   DG  B C8     1 
ATOM   169 N  N7     . DG  B 1 2 ? -2.645  5.773   -5.957  1.00 2.45  ? 8   DG  B N7     1 
ATOM   170 C  C5     . DG  B 1 2 ? -1.607  4.946   -5.427  1.00 2.58  ? 8   DG  B C5     1 
ATOM   171 C  C6     . DG  B 1 2 ? -1.433  3.539   -5.511  1.00 2.45  ? 8   DG  B C6     1 
ATOM   172 O  O6     . DG  B 1 2 ? -2.091  2.751   -6.180  1.00 2.00  ? 8   DG  B O6     1 
ATOM   173 N  N1     . DG  B 1 2 ? -0.448  3.054   -4.612  1.00 2.00  ? 8   DG  B N1     1 
ATOM   174 C  C2     . DG  B 1 2 ? 0.403   3.851   -3.822  1.00 2.57  ? 8   DG  B C2     1 
ATOM   175 N  N2     . DG  B 1 2 ? 1.519   3.265   -3.297  1.00 2.08  ? 8   DG  B N2     1 
ATOM   176 N  N3     . DG  B 1 2 ? 0.222   5.196   -3.708  1.00 2.00  ? 8   DG  B N3     1 
ATOM   177 C  C4     . DG  B 1 2 ? -0.816  5.655   -4.509  1.00 2.79  ? 8   DG  B C4     1 
ATOM   178 H  H1     . DG  B 1 2 ? -0.299  2.058   -4.603  1.00 15.00 ? 8   DG  B H1     1 
ATOM   179 H  H21    . DG  B 1 2 ? 2.151   3.826   -2.761  1.00 15.00 ? 8   DG  B H21    1 
ATOM   180 H  H22    . DG  B 1 2 ? 1.673   2.273   -3.408  1.00 15.00 ? 8   DG  B H22    1 
ATOM   181 P  P      . DC  B 1 3 ? 1.624   8.621   0.542   1.00 2.60  ? 9   DC  B P      1 
ATOM   182 O  OP1    . DC  B 1 3 ? 1.130   9.644   1.603   1.00 2.63  ? 9   DC  B OP1    1 
ATOM   183 O  OP2    . DC  B 1 3 ? 3.113   8.565   0.111   1.00 3.68  ? 9   DC  B OP2    1 
ATOM   184 O  "O5'"  . DC  B 1 3 ? 1.104   7.080   0.905   1.00 2.00  ? 9   DC  B "O5'"  1 
ATOM   185 C  "C5'"  . DC  B 1 3 ? 1.467   6.731   2.282   1.00 2.38  ? 9   DC  B "C5'"  1 
ATOM   186 C  "C4'"  . DC  B 1 3 ? 1.466   5.234   2.429   1.00 2.00  ? 9   DC  B "C4'"  1 
ATOM   187 O  "O4'"  . DC  B 1 3 ? 0.157   4.742   2.007   1.00 2.00  ? 9   DC  B "O4'"  1 
ATOM   188 C  "C3'"  . DC  B 1 3 ? 2.561   4.634   1.489   1.00 2.03  ? 9   DC  B "C3'"  1 
ATOM   189 O  "O3'"  . DC  B 1 3 ? 3.082   3.463   2.168   1.00 2.33  ? 9   DC  B "O3'"  1 
ATOM   190 C  "C2'"  . DC  B 1 3 ? 1.795   4.086   0.270   1.00 2.00  ? 9   DC  B "C2'"  1 
ATOM   191 C  "C1'"  . DC  B 1 3 ? 0.451   3.688   0.975   1.00 2.04  ? 9   DC  B "C1'"  1 
ATOM   192 N  N1     . DC  B 1 3 ? -0.656  3.650   -0.013  1.00 2.00  ? 9   DC  B N1     1 
ATOM   193 C  C2     . DC  B 1 3 ? -0.905  2.408   -0.732  1.00 2.53  ? 9   DC  B C2     1 
ATOM   194 O  O2     . DC  B 1 3 ? -0.243  1.378   -0.497  1.00 2.57  ? 9   DC  B O2     1 
ATOM   195 N  N3     . DC  B 1 3 ? -1.901  2.383   -1.705  1.00 2.50  ? 9   DC  B N3     1 
ATOM   196 C  C4     . DC  B 1 3 ? -2.603  3.513   -1.969  1.00 2.43  ? 9   DC  B C4     1 
ATOM   197 N  N4     . DC  B 1 3 ? -3.481  3.499   -3.023  1.00 2.37  ? 9   DC  B N4     1 
ATOM   198 C  C5     . DC  B 1 3 ? -2.375  4.762   -1.242  1.00 2.23  ? 9   DC  B C5     1 
ATOM   199 C  C6     . DC  B 1 3 ? -1.387  4.788   -0.301  1.00 2.00  ? 9   DC  B C6     1 
ATOM   200 H  H41    . DC  B 1 3 ? -3.923  4.349   -3.332  1.00 15.00 ? 9   DC  B H41    1 
ATOM   201 H  H42    . DC  B 1 3 ? -3.723  2.606   -3.435  1.00 15.00 ? 9   DC  B H42    1 
ATOM   202 P  P      . DG  B 1 4 ? 4.345   3.603   3.248   1.00 3.27  ? 10  DG  B P      1 
ATOM   203 O  OP1    . DG  B 1 4 ? 5.367   4.589   2.707   1.00 4.11  ? 10  DG  B OP1    1 
ATOM   204 O  OP2    . DG  B 1 4 ? 4.786   2.201   3.688   1.00 3.84  ? 10  DG  B OP2    1 
ATOM   205 O  "O5'"  . DG  B 1 4 ? 3.679   4.380   4.612   1.00 2.85  ? 10  DG  B "O5'"  1 
ATOM   206 C  "C5'"  . DG  B 1 4 ? 2.696   3.636   5.431   1.00 3.35  ? 10  DG  B "C5'"  1 
ATOM   207 C  "C4'"  . DG  B 1 4 ? 2.344   4.603   6.521   1.00 2.99  ? 10  DG  B "C4'"  1 
ATOM   208 O  "O4'"  . DG  B 1 4 ? 1.826   5.797   5.867   1.00 2.64  ? 10  DG  B "O4'"  1 
ATOM   209 C  "C3'"  . DG  B 1 4 ? 1.204   3.989   7.422   1.00 3.17  ? 10  DG  B "C3'"  1 
ATOM   210 O  "O3'"  . DG  B 1 4 ? 1.845   3.451   8.663   1.00 4.09  ? 10  DG  B "O3'"  1 
ATOM   211 C  "C2'"  . DG  B 1 4 ? 0.300   5.231   7.766   1.00 3.54  ? 10  DG  B "C2'"  1 
ATOM   212 C  "C1'"  . DG  B 1 4 ? 0.632   6.175   6.550   1.00 3.22  ? 10  DG  B "C1'"  1 
ATOM   213 N  N9     . DG  B 1 4 ? -0.376  6.327   5.518   1.00 3.27  ? 10  DG  B N9     1 
ATOM   214 C  C8     . DG  B 1 4 ? -0.971  7.518   5.107   1.00 3.44  ? 10  DG  B C8     1 
ATOM   215 N  N7     . DG  B 1 4 ? -1.934  7.344   4.181   1.00 3.47  ? 10  DG  B N7     1 
ATOM   216 C  C5     . DG  B 1 4 ? -1.919  5.931   3.923   1.00 3.22  ? 10  DG  B C5     1 
ATOM   217 C  C6     . DG  B 1 4 ? -2.811  5.153   3.097   1.00 3.05  ? 10  DG  B C6     1 
ATOM   218 O  O6     . DG  B 1 4 ? -3.755  5.568   2.432   1.00 2.96  ? 10  DG  B O6     1 
ATOM   219 N  N1     . DG  B 1 4 ? -2.489  3.766   3.146   1.00 2.90  ? 10  DG  B N1     1 
ATOM   220 C  C2     . DG  B 1 4 ? -1.501  3.197   4.006   1.00 3.30  ? 10  DG  B C2     1 
ATOM   221 N  N2     . DG  B 1 4 ? -1.484  1.848   4.056   1.00 3.27  ? 10  DG  B N2     1 
ATOM   222 N  N3     . DG  B 1 4 ? -0.693  3.921   4.845   1.00 2.69  ? 10  DG  B N3     1 
ATOM   223 C  C4     . DG  B 1 4 ? -0.984  5.273   4.751   1.00 3.54  ? 10  DG  B C4     1 
ATOM   224 H  H1     . DG  B 1 4 ? -2.961  3.164   2.491   1.00 15.00 ? 10  DG  B H1     1 
ATOM   225 H  H21    . DG  B 1 4 ? -1.018  1.395   4.823   1.00 15.00 ? 10  DG  B H21    1 
ATOM   226 H  H22    . DG  B 1 4 ? -1.912  1.295   3.324   1.00 15.00 ? 10  DG  B H22    1 
ATOM   227 P  P      . DC  B 1 5 ? 2.030   1.810   8.772   1.00 3.42  ? 11  DC  B P      1 
ATOM   228 O  OP1    . DC  B 1 5 ? 2.834   1.538   10.066  1.00 3.65  ? 11  DC  B OP1    1 
ATOM   229 O  OP2    . DC  B 1 5 ? 2.560   1.187   7.421   1.00 4.00  ? 11  DC  B OP2    1 
ATOM   230 O  "O5'"  . DC  B 1 5 ? 0.394   1.508   9.007   1.00 4.37  ? 11  DC  B "O5'"  1 
ATOM   231 C  "C5'"  . DC  B 1 5 ? 0.032   0.583   10.070  1.00 4.18  ? 11  DC  B "C5'"  1 
ATOM   232 C  "C4'"  . DC  B 1 5 ? -0.957  -0.418  9.491   1.00 3.80  ? 11  DC  B "C4'"  1 
ATOM   233 O  "O4'"  . DC  B 1 5 ? -2.233  0.289   9.213   1.00 3.38  ? 11  DC  B "O4'"  1 
ATOM   234 C  "C3'"  . DC  B 1 5 ? -0.427  -1.023  8.090   1.00 4.11  ? 11  DC  B "C3'"  1 
ATOM   235 O  "O3'"  . DC  B 1 5 ? -0.979  -2.390  8.094   1.00 4.48  ? 11  DC  B "O3'"  1 
ATOM   236 C  "C2'"  . DC  B 1 5 ? -1.210  -0.190  6.977   1.00 3.64  ? 11  DC  B "C2'"  1 
ATOM   237 C  "C1'"  . DC  B 1 5 ? -2.565  0.166   7.796   1.00 2.95  ? 11  DC  B "C1'"  1 
ATOM   238 N  N1     . DC  B 1 5 ? -3.036  1.528   7.300   1.00 2.67  ? 11  DC  B N1     1 
ATOM   239 C  C2     . DC  B 1 5 ? -3.985  1.495   6.209   1.00 2.85  ? 11  DC  B C2     1 
ATOM   240 O  O2     . DC  B 1 5 ? -4.239  0.413   5.631   1.00 3.04  ? 11  DC  B O2     1 
ATOM   241 N  N3     . DC  B 1 5 ? -4.569  2.695   5.833   1.00 3.22  ? 11  DC  B N3     1 
ATOM   242 C  C4     . DC  B 1 5 ? -4.101  3.891   6.307   1.00 2.68  ? 11  DC  B C4     1 
ATOM   243 N  N4     . DC  B 1 5 ? -4.697  4.979   5.778   1.00 2.69  ? 11  DC  B N4     1 
ATOM   244 C  C5     . DC  B 1 5 ? -3.030  3.947   7.314   1.00 3.32  ? 11  DC  B C5     1 
ATOM   245 C  C6     . DC  B 1 5 ? -2.565  2.771   7.798   1.00 2.61  ? 11  DC  B C6     1 
ATOM   246 H  H41    . DC  B 1 5 ? -4.450  5.904   6.084   1.00 15.00 ? 11  DC  B H41    1 
ATOM   247 H  H42    . DC  B 1 5 ? -5.465  4.846   5.132   1.00 15.00 ? 11  DC  B H42    1 
ATOM   248 P  P      . DG  B 1 6 ? 0.128   -3.543  8.467   1.00 4.90  ? 12  DG  B P      1 
ATOM   249 O  OP1    . DG  B 1 6 ? 1.460   -3.160  7.825   1.00 5.48  ? 12  DG  B OP1    1 
ATOM   250 O  OP2    . DG  B 1 6 ? -0.442  -4.925  8.171   1.00 5.32  ? 12  DG  B OP2    1 
ATOM   251 O  "O5'"  . DG  B 1 6 ? 0.200   -3.284  10.131  1.00 3.75  ? 12  DG  B "O5'"  1 
ATOM   252 C  "C5'"  . DG  B 1 6 ? -0.904  -3.677  10.960  1.00 3.66  ? 12  DG  B "C5'"  1 
ATOM   253 C  "C4'"  . DG  B 1 6 ? -0.375  -3.420  12.365  1.00 3.26  ? 12  DG  B "C4'"  1 
ATOM   254 O  "O4'"  . DG  B 1 6 ? -0.280  -1.963  12.509  1.00 2.53  ? 12  DG  B "O4'"  1 
ATOM   255 C  "C3'"  . DG  B 1 6 ? -1.381  -3.919  13.458  1.00 3.29  ? 12  DG  B "C3'"  1 
ATOM   256 O  "O3'"  . DG  B 1 6 ? -0.650  -4.184  14.715  1.00 3.50  ? 12  DG  B "O3'"  1 
ATOM   257 C  "C2'"  . DG  B 1 6 ? -2.318  -2.712  13.717  1.00 3.07  ? 12  DG  B "C2'"  1 
ATOM   258 C  "C1'"  . DG  B 1 6 ? -1.257  -1.573  13.583  1.00 2.49  ? 12  DG  B "C1'"  1 
ATOM   259 N  N9     . DG  B 1 6 ? -1.838  -0.276  13.216  1.00 2.38  ? 12  DG  B N9     1 
ATOM   260 C  C8     . DG  B 1 6 ? -1.273  0.973   13.587  1.00 2.55  ? 12  DG  B C8     1 
ATOM   261 N  N7     . DG  B 1 6 ? -1.836  2.006   12.952  1.00 2.96  ? 12  DG  B N7     1 
ATOM   262 C  C5     . DG  B 1 6 ? -2.874  1.401   12.146  1.00 2.52  ? 12  DG  B C5     1 
ATOM   263 C  C6     . DG  B 1 6 ? -3.902  2.027   11.321  1.00 2.62  ? 12  DG  B C6     1 
ATOM   264 O  O6     . DG  B 1 6 ? -4.060  3.245   11.113  1.00 2.00  ? 12  DG  B O6     1 
ATOM   265 N  N1     . DG  B 1 6 ? -4.689  1.041   10.651  1.00 2.74  ? 12  DG  B N1     1 
ATOM   266 C  C2     . DG  B 1 6 ? -4.502  -0.350  10.695  1.00 2.56  ? 12  DG  B C2     1 
ATOM   267 N  N2     . DG  B 1 6 ? -5.265  -1.151  9.910   1.00 2.01  ? 12  DG  B N2     1 
ATOM   268 N  N3     . DG  B 1 6 ? -3.539  -0.925  11.507  1.00 2.61  ? 12  DG  B N3     1 
ATOM   269 C  C4     . DG  B 1 6 ? -2.797  0.014   12.209  1.00 2.46  ? 12  DG  B C4     1 
ATOM   270 H  "HO3'" . DG  B 1 6 ? 0.046   -4.820  14.501  1.00 15.00 ? 12  DG  B "HO3'" 1 
ATOM   271 H  H1     . DG  B 1 6 ? -5.386  1.405   10.022  1.00 15.00 ? 12  DG  B H1     1 
ATOM   272 H  H21    . DG  B 1 6 ? -5.189  -2.132  10.101  1.00 15.00 ? 12  DG  B H21    1 
ATOM   273 H  H22    . DG  B 1 6 ? -5.860  -0.741  9.200   1.00 15.00 ? 12  DG  B H22    1 
HETATM 274 N  N1     . SPD C 2 . ? 4.695   -14.953 6.370   1.00 12.15 ? 120 SPD A N1     1 
HETATM 275 C  C2     . SPD C 2 . ? 4.018   -13.871 5.557   1.00 11.89 ? 120 SPD A C2     1 
HETATM 276 C  C3     . SPD C 2 . ? 3.114   -14.319 4.488   1.00 11.79 ? 120 SPD A C3     1 
HETATM 277 C  C4     . SPD C 2 . ? 3.232   -13.900 3.162   1.00 11.45 ? 120 SPD A C4     1 
HETATM 278 C  C5     . SPD C 2 . ? 3.861   -14.767 2.198   1.00 11.44 ? 120 SPD A C5     1 
HETATM 279 N  N6     . SPD C 2 . ? 4.670   -14.073 1.277   1.00 10.46 ? 120 SPD A N6     1 
HETATM 280 C  C7     . SPD C 2 . ? 4.478   -14.613 -0.052  1.00 11.60 ? 120 SPD A C7     1 
HETATM 281 C  C8     . SPD C 2 . ? 5.364   -14.289 -1.176  1.00 12.30 ? 120 SPD A C8     1 
HETATM 282 C  C9     . SPD C 2 . ? 4.834   -13.364 -2.167  1.00 12.02 ? 120 SPD A C9     1 
HETATM 283 N  N10    . SPD C 2 . ? 5.878   -12.939 -3.046  1.00 13.22 ? 120 SPD A N10    1 
HETATM 284 H  H1     . SPD C 2 . ? 4.418   -14.875 7.296   1.00 15.00 ? 120 SPD A H1     1 
HETATM 285 H  HN11   . SPD C 2 . ? 5.661   -14.866 6.420   1.00 15.00 ? 120 SPD A HN11   1 
HETATM 286 H  HN12   . SPD C 2 . ? 4.451   -15.858 6.147   1.00 15.00 ? 120 SPD A HN12   1 
HETATM 287 H  H21    . SPD C 2 . ? 3.491   -13.302 6.144   1.00 15.00 ? 120 SPD A H21    1 
HETATM 288 H  H22    . SPD C 2 . ? 4.685   -13.278 5.177   1.00 15.00 ? 120 SPD A H22    1 
HETATM 289 H  H31    . SPD C 2 . ? 3.085   -15.281 4.494   1.00 15.00 ? 120 SPD A H31    1 
HETATM 290 H  H32    . SPD C 2 . ? 2.224   -14.064 4.760   1.00 15.00 ? 120 SPD A H32    1 
HETATM 291 H  H41    . SPD C 2 . ? 2.336   -13.726 2.846   1.00 15.00 ? 120 SPD A H41    1 
HETATM 292 H  H42    . SPD C 2 . ? 3.679   -13.049 3.148   1.00 15.00 ? 120 SPD A H42    1 
HETATM 293 H  H51    . SPD C 2 . ? 4.381   -15.446 2.649   1.00 15.00 ? 120 SPD A H51    1 
HETATM 294 H  H52    . SPD C 2 . ? 3.146   -15.251 1.755   1.00 15.00 ? 120 SPD A H52    1 
HETATM 295 H  HN6    . SPD C 2 . ? 5.610   -14.144 1.519   1.00 15.00 ? 120 SPD A HN6    1 
HETATM 296 H  H71    . SPD C 2 . ? 4.533   -15.577 0.011   1.00 15.00 ? 120 SPD A H71    1 
HETATM 297 H  H72    . SPD C 2 . ? 3.567   -14.459 -0.345  1.00 15.00 ? 120 SPD A H72    1 
HETATM 298 H  H81    . SPD C 2 . ? 6.181   -13.925 -0.824  1.00 15.00 ? 120 SPD A H81    1 
HETATM 299 H  H82    . SPD C 2 . ? 5.610   -15.105 -1.627  1.00 15.00 ? 120 SPD A H82    1 
HETATM 300 H  H91    . SPD C 2 . ? 4.113   -13.807 -2.644  1.00 15.00 ? 120 SPD A H91    1 
HETATM 301 H  H92    . SPD C 2 . ? 4.447   -12.604 -1.704  1.00 15.00 ? 120 SPD A H92    1 
HETATM 302 H  H101   . SPD C 2 . ? 6.226   -13.658 -3.594  1.00 15.00 ? 120 SPD A H101   1 
HETATM 303 H  H102   . SPD C 2 . ? 5.601   -12.219 -3.618  1.00 15.00 ? 120 SPD A H102   1 
HETATM 304 H  HN62   . SPD C 2 . ? 4.490   -13.115 1.248   1.00 15.00 ? 120 SPD A HN62   1 
HETATM 305 H  H12    . SPD C 2 . ? 6.627   -12.601 -2.541  1.00 15.00 ? 120 SPD A H12    1 
HETATM 306 MG MG     . MG  D 3 . ? 3.995   -6.362  -9.553  1.00 6.06  ? 92  MG  A MG     1 
HETATM 307 MG MG     . MG  E 3 . ? 7.322   -0.678  3.310   1.00 8.14  ? 93  MG  A MG     1 
HETATM 308 MG MG     . MG  F 3 . ? 2.981   -5.230  -12.281 1.00 14.20 ? 94  MG  A MG     1 
HETATM 309 NA NA     . NA  G 4 . ? 4.969   -8.836  -1.564  1.00 2.00  ? 116 NA  A NA     1 
HETATM 310 O  O      . HOH H 5 . ? -1.109  -0.708  -10.725 1.00 2.89  ? 13  HOH A O      1 
HETATM 311 H  H1     . HOH H 5 . ? -1.236  0.260   -10.679 1.00 15.00 ? 13  HOH A H1     1 
HETATM 312 H  H2     . HOH H 5 . ? -1.866  -0.913  -11.291 1.00 15.00 ? 13  HOH A H2     1 
HETATM 313 O  O      . HOH H 5 . ? 4.220   -4.663  -10.692 1.00 4.11  ? 14  HOH A O      1 
HETATM 314 H  H1     . HOH H 5 . ? 5.074   -4.382  -11.143 1.00 15.00 ? 14  HOH A H1     1 
HETATM 315 H  H2     . HOH H 5 . ? 3.882   -3.750  -10.445 1.00 15.00 ? 14  HOH A H2     1 
HETATM 316 O  O      . HOH H 5 . ? 5.840   -7.650  -3.342  1.00 5.63  ? 15  HOH A O      1 
HETATM 317 H  H1     . HOH H 5 . ? 6.390   -7.493  -4.123  1.00 15.00 ? 15  HOH A H1     1 
HETATM 318 H  H2     . HOH H 5 . ? 6.004   -6.806  -2.875  1.00 15.00 ? 15  HOH A H2     1 
HETATM 319 O  O      . HOH H 5 . ? 0.535   -2.878  -12.452 1.00 8.33  ? 16  HOH A O      1 
HETATM 320 H  H1     . HOH H 5 . ? -0.249  -2.328  -12.249 1.00 15.00 ? 16  HOH A H1     1 
HETATM 321 H  H2     . HOH H 5 . ? 0.859   -2.378  -13.232 1.00 15.00 ? 16  HOH A H2     1 
HETATM 322 O  O      . HOH H 5 . ? 8.862   -4.036  0.985   1.00 3.84  ? 20  HOH A O      1 
HETATM 323 H  H1     . HOH H 5 . ? 9.577   -3.763  0.380   1.00 15.00 ? 20  HOH A H1     1 
HETATM 324 H  H2     . HOH H 5 . ? 8.797   -4.993  0.787   1.00 15.00 ? 20  HOH A H2     1 
HETATM 325 O  O      . HOH H 5 . ? -6.605  1.268   -3.777  1.00 8.73  ? 23  HOH A O      1 
HETATM 326 H  H1     . HOH H 5 . ? -7.196  0.608   -3.363  1.00 15.00 ? 23  HOH A H1     1 
HETATM 327 H  H2     . HOH H 5 . ? -5.977  0.666   -4.195  1.00 15.00 ? 23  HOH A H2     1 
HETATM 328 O  O      . HOH H 5 . ? 5.838   -6.963  -10.422 1.00 6.29  ? 28  HOH A O      1 
HETATM 329 H  H1     . HOH H 5 . ? 6.081   -7.488  -11.234 1.00 15.00 ? 28  HOH A H1     1 
HETATM 330 H  H2     . HOH H 5 . ? 6.760   -6.665  -10.175 1.00 15.00 ? 28  HOH A H2     1 
HETATM 331 O  O      . HOH H 5 . ? -6.493  6.865   2.497   1.00 13.31 ? 30  HOH A O      1 
HETATM 332 H  H1     . HOH H 5 . ? -7.406  6.817   2.830   1.00 15.00 ? 30  HOH A H1     1 
HETATM 333 H  H2     . HOH H 5 . ? -6.039  6.406   3.224   1.00 15.00 ? 30  HOH A H2     1 
HETATM 334 O  O      . HOH H 5 . ? 6.109   -2.249  2.576   1.00 11.39 ? 33  HOH A O      1 
HETATM 335 H  H1     . HOH H 5 . ? 6.527   -2.886  1.956   1.00 15.00 ? 33  HOH A H1     1 
HETATM 336 H  H2     . HOH H 5 . ? 5.346   -2.777  2.875   1.00 15.00 ? 33  HOH A H2     1 
HETATM 337 O  O      . HOH H 5 . ? -8.200  6.938   -0.406  1.00 4.99  ? 34  HOH A O      1 
HETATM 338 H  H1     . HOH H 5 . ? -9.010  6.856   0.131   1.00 15.00 ? 34  HOH A H1     1 
HETATM 339 H  H2     . HOH H 5 . ? -8.147  6.026   -0.773  1.00 15.00 ? 34  HOH A H2     1 
HETATM 340 O  O      . HOH H 5 . ? 3.208   -9.443  -6.212  1.00 7.36  ? 36  HOH A O      1 
HETATM 341 H  H1     . HOH H 5 . ? 3.850   -9.160  -5.538  1.00 15.00 ? 36  HOH A H1     1 
HETATM 342 H  H2     . HOH H 5 . ? 2.423   -9.538  -5.632  1.00 15.00 ? 36  HOH A H2     1 
HETATM 343 O  O      . HOH H 5 . ? -4.621  7.772   -2.001  1.00 8.80  ? 37  HOH A O      1 
HETATM 344 H  H1     . HOH H 5 . ? -3.670  7.503   -2.071  1.00 15.00 ? 37  HOH A H1     1 
HETATM 345 H  H2     . HOH H 5 . ? -4.971  6.878   -2.318  1.00 15.00 ? 37  HOH A H2     1 
HETATM 346 O  O      . HOH H 5 . ? 3.275   0.506   -1.063  1.00 9.38  ? 39  HOH A O      1 
HETATM 347 H  H1     . HOH H 5 . ? 3.063   0.018   -1.875  1.00 15.00 ? 39  HOH A H1     1 
HETATM 348 H  H2     . HOH H 5 . ? 2.466   0.329   -0.558  1.00 15.00 ? 39  HOH A H2     1 
HETATM 349 O  O      . HOH H 5 . ? 2.350   -5.615  -8.512  1.00 6.03  ? 40  HOH A O      1 
HETATM 350 H  H1     . HOH H 5 . ? 2.331   -4.980  -7.755  1.00 15.00 ? 40  HOH A H1     1 
HETATM 351 H  H2     . HOH H 5 . ? 1.497   -6.043  -8.276  1.00 15.00 ? 40  HOH A H2     1 
HETATM 352 O  O      . HOH H 5 . ? 3.967   -7.954  -8.457  1.00 8.59  ? 41  HOH A O      1 
HETATM 353 H  H1     . HOH H 5 . ? 4.512   -8.749  -8.697  1.00 15.00 ? 41  HOH A H1     1 
HETATM 354 H  H2     . HOH H 5 . ? 3.615   -8.327  -7.602  1.00 15.00 ? 41  HOH A H2     1 
HETATM 355 O  O      . HOH H 5 . ? 8.522   -0.595  1.542   1.00 10.45 ? 47  HOH A O      1 
HETATM 356 H  H1     . HOH H 5 . ? 9.482   -0.841  1.539   1.00 15.00 ? 47  HOH A H1     1 
HETATM 357 H  H2     . HOH H 5 . ? 8.322   -0.702  0.591   1.00 15.00 ? 47  HOH A H2     1 
HETATM 358 O  O      . HOH H 5 . ? 7.731   -0.182  -2.974  1.00 9.43  ? 50  HOH A O      1 
HETATM 359 H  H1     . HOH H 5 . ? 8.680   -0.306  -2.793  1.00 15.00 ? 50  HOH A H1     1 
HETATM 360 H  H2     . HOH H 5 . ? 7.508   -1.039  -3.363  1.00 15.00 ? 50  HOH A H2     1 
HETATM 361 O  O      . HOH H 5 . ? 0.295   -9.789  -3.853  1.00 8.82  ? 52  HOH A O      1 
HETATM 362 H  H1     . HOH H 5 . ? -0.387  -10.372 -4.221  1.00 15.00 ? 52  HOH A H1     1 
HETATM 363 H  H2     . HOH H 5 . ? 0.003   -9.691  -2.927  1.00 15.00 ? 52  HOH A H2     1 
HETATM 364 O  O      . HOH H 5 . ? 6.305   -0.876  4.796   1.00 10.53 ? 54  HOH A O      1 
HETATM 365 H  H1     . HOH H 5 . ? 5.477   -0.468  5.138   1.00 15.00 ? 54  HOH A H1     1 
HETATM 366 H  H2     . HOH H 5 . ? 6.390   -1.614  5.457   1.00 15.00 ? 54  HOH A H2     1 
HETATM 367 O  O      . HOH H 5 . ? 6.361   -7.173  -0.498  1.00 17.00 ? 55  HOH A O      1 
HETATM 368 H  H1     . HOH H 5 . ? 6.032   -6.915  0.382   1.00 15.00 ? 55  HOH A H1     1 
HETATM 369 H  H2     . HOH H 5 . ? 7.269   -6.816  -0.416  1.00 15.00 ? 55  HOH A H2     1 
HETATM 370 O  O      . HOH H 5 . ? 6.142   -0.521  -0.463  1.00 11.15 ? 62  HOH A O      1 
HETATM 371 H  H1     . HOH H 5 . ? 5.379   -1.061  -0.720  1.00 15.00 ? 62  HOH A H1     1 
HETATM 372 H  H2     . HOH H 5 . ? 6.672   -0.565  -1.280  1.00 15.00 ? 62  HOH A H2     1 
HETATM 373 O  O      . HOH H 5 . ? -11.732 -5.286  2.678   1.00 15.13 ? 67  HOH A O      1 
HETATM 374 H  H1     . HOH H 5 . ? -10.889 -4.871  2.900   1.00 15.00 ? 67  HOH A H1     1 
HETATM 375 H  H2     . HOH H 5 . ? -11.471 -5.966  2.050   1.00 15.00 ? 67  HOH A H2     1 
HETATM 376 O  O      . HOH H 5 . ? -11.414 8.055   1.191   1.00 5.85  ? 79  HOH A O      1 
HETATM 377 H  H1     . HOH H 5 . ? -11.811 7.286   0.759   1.00 15.00 ? 79  HOH A H1     1 
HETATM 378 H  H2     . HOH H 5 . ? -10.913 7.609   1.907   1.00 15.00 ? 79  HOH A H2     1 
HETATM 379 O  O      . HOH H 5 . ? 8.042   -5.423  -9.883  1.00 5.02  ? 80  HOH A O      1 
HETATM 380 H  H1     . HOH H 5 . ? 8.482   -5.274  -10.740 1.00 15.00 ? 80  HOH A H1     1 
HETATM 381 H  H2     . HOH H 5 . ? 8.802   -5.262  -9.290  1.00 15.00 ? 80  HOH A H2     1 
HETATM 382 O  O      . HOH H 5 . ? -0.695  -9.360  -1.388  1.00 8.86  ? 81  HOH A O      1 
HETATM 383 H  H1     . HOH H 5 . ? -1.320  -8.644  -1.590  1.00 15.00 ? 81  HOH A H1     1 
HETATM 384 H  H2     . HOH H 5 . ? -1.200  -9.881  -0.746  1.00 15.00 ? 81  HOH A H2     1 
HETATM 385 O  O      . HOH H 5 . ? 1.225   -7.519  -0.265  1.00 12.00 ? 85  HOH A O      1 
HETATM 386 H  H1     . HOH H 5 . ? 0.528   -8.141  -0.541  1.00 15.00 ? 85  HOH A H1     1 
HETATM 387 H  H2     . HOH H 5 . ? 0.827   -7.135  0.531   1.00 15.00 ? 85  HOH A H2     1 
HETATM 388 O  O      . HOH H 5 . ? 4.374   -10.353 -12.840 1.00 5.76  ? 87  HOH A O      1 
HETATM 389 H  H1     . HOH H 5 . ? 5.177   -10.915 -12.824 1.00 15.00 ? 87  HOH A H1     1 
HETATM 390 H  H2     . HOH H 5 . ? 3.799   -10.997 -13.288 1.00 15.00 ? 87  HOH A H2     1 
HETATM 391 O  O      . HOH H 5 . ? 2.664   -9.719  -10.785 1.00 5.46  ? 88  HOH A O      1 
HETATM 392 H  H1     . HOH H 5 . ? 3.354   -10.038 -11.417 1.00 15.00 ? 88  HOH A H1     1 
HETATM 393 H  H2     . HOH H 5 . ? 2.566   -10.514 -10.240 1.00 15.00 ? 88  HOH A H2     1 
HETATM 394 O  O      . HOH H 5 . ? 0.546   -3.221  -0.128  1.00 9.95  ? 95  HOH A O      1 
HETATM 395 H  H1     . HOH H 5 . ? -0.305  -3.665  -0.038  1.00 15.00 ? 95  HOH A H1     1 
HETATM 396 H  H2     . HOH H 5 . ? 1.070   -3.890  -0.582  1.00 15.00 ? 95  HOH A H2     1 
HETATM 397 O  O      . HOH H 5 . ? -0.703  -1.187  2.150   1.00 15.95 ? 96  HOH A O      1 
HETATM 398 H  H1     . HOH H 5 . ? -0.189  -1.815  1.620   1.00 15.00 ? 96  HOH A H1     1 
HETATM 399 H  H2     . HOH H 5 . ? -1.318  -0.834  1.498   1.00 15.00 ? 96  HOH A H2     1 
HETATM 400 O  O      . HOH H 5 . ? -5.786  7.528   0.181   1.00 13.43 ? 100 HOH A O      1 
HETATM 401 H  H1     . HOH H 5 . ? -6.677  7.246   -0.187  1.00 15.00 ? 100 HOH A H1     1 
HETATM 402 H  H2     . HOH H 5 . ? -6.020  7.126   1.082   1.00 15.00 ? 100 HOH A H2     1 
HETATM 403 O  O      . HOH H 5 . ? -8.153  6.437   5.661   1.00 7.28  ? 101 HOH A O      1 
HETATM 404 H  H1     . HOH H 5 . ? -8.960  6.933   5.485   1.00 15.00 ? 101 HOH A H1     1 
HETATM 405 H  H2     . HOH H 5 . ? -8.181  5.764   4.976   1.00 15.00 ? 101 HOH A H2     1 
HETATM 406 O  O      . HOH H 5 . ? -9.939  6.568   3.160   1.00 5.41  ? 102 HOH A O      1 
HETATM 407 H  H1     . HOH H 5 . ? -9.914  5.680   2.784   1.00 15.00 ? 102 HOH A H1     1 
HETATM 408 H  H2     . HOH H 5 . ? -10.664 6.425   3.810   1.00 15.00 ? 102 HOH A H2     1 
HETATM 409 O  O      . HOH H 5 . ? -12.090 5.642   4.640   1.00 3.04  ? 113 HOH A O      1 
HETATM 410 H  H1     . HOH H 5 . ? -12.758 6.086   5.183   1.00 15.00 ? 113 HOH A H1     1 
HETATM 411 H  H2     . HOH H 5 . ? -12.333 4.712   4.728   1.00 15.00 ? 113 HOH A H2     1 
HETATM 412 O  O      . HOH H 5 . ? 1.808   -3.973  -10.595 1.00 11.58 ? 114 HOH A O      1 
HETATM 413 H  H1     . HOH H 5 . ? 1.451   -3.613  -9.765  1.00 15.00 ? 114 HOH A H1     1 
HETATM 414 H  H2     . HOH H 5 . ? 1.239   -3.441  -11.219 1.00 15.00 ? 114 HOH A H2     1 
HETATM 415 O  O      . HOH H 5 . ? 3.306   -3.722  -13.005 1.00 11.11 ? 115 HOH A O      1 
HETATM 416 H  H1     . HOH H 5 . ? 2.739   -3.208  -13.660 1.00 15.00 ? 115 HOH A H1     1 
HETATM 417 H  H2     . HOH H 5 . ? 4.137   -3.233  -13.285 1.00 15.00 ? 115 HOH A H2     1 
HETATM 418 O  O      . HOH I 5 . ? 1.588   11.931  -1.820  1.00 3.10  ? 18  HOH B O      1 
HETATM 419 H  H1     . HOH I 5 . ? 1.086   12.081  -0.996  1.00 15.00 ? 18  HOH B H1     1 
HETATM 420 H  H2     . HOH I 5 . ? 1.058   11.270  -2.275  1.00 15.00 ? 18  HOH B H2     1 
HETATM 421 O  O      . HOH I 5 . ? -3.160  7.590   0.751   1.00 6.30  ? 22  HOH B O      1 
HETATM 422 H  H1     . HOH I 5 . ? -2.957  6.706   1.125   1.00 15.00 ? 22  HOH B H1     1 
HETATM 423 H  H2     . HOH I 5 . ? -2.326  8.030   1.070   1.00 15.00 ? 22  HOH B H2     1 
HETATM 424 O  O      . HOH I 5 . ? -2.332  3.501   -8.730  1.00 5.45  ? 24  HOH B O      1 
HETATM 425 H  H1     . HOH I 5 . ? -1.793  3.251   -7.977  1.00 15.00 ? 24  HOH B H1     1 
HETATM 426 H  H2     . HOH I 5 . ? -1.915  4.345   -9.006  1.00 15.00 ? 24  HOH B H2     1 
HETATM 427 O  O      . HOH I 5 . ? -5.262  5.538   -6.571  1.00 10.69 ? 29  HOH B O      1 
HETATM 428 H  H1     . HOH I 5 . ? -5.506  6.495   -6.623  1.00 15.00 ? 29  HOH B H1     1 
HETATM 429 H  H2     . HOH I 5 . ? -4.332  5.606   -6.882  1.00 15.00 ? 29  HOH B H2     1 
HETATM 430 O  O      . HOH I 5 . ? -1.532  4.247   10.222  1.00 10.35 ? 35  HOH B O      1 
HETATM 431 H  H1     . HOH I 5 . ? -1.855  3.344   10.401  1.00 15.00 ? 35  HOH B H1     1 
HETATM 432 H  H2     . HOH I 5 . ? -0.857  4.041   9.558   1.00 15.00 ? 35  HOH B H2     1 
HETATM 433 O  O      . HOH I 5 . ? -4.938  2.773   -6.431  1.00 8.05  ? 38  HOH B O      1 
HETATM 434 H  H1     . HOH I 5 . ? -5.092  1.795   -6.590  1.00 15.00 ? 38  HOH B H1     1 
HETATM 435 H  H2     . HOH I 5 . ? -4.124  2.677   -5.902  1.00 15.00 ? 38  HOH B H2     1 
HETATM 436 O  O      . HOH I 5 . ? 3.389   7.715   -10.313 1.00 11.80 ? 43  HOH B O      1 
HETATM 437 H  H1     . HOH I 5 . ? 2.470   7.672   -10.043 1.00 15.00 ? 43  HOH B H1     1 
HETATM 438 H  H2     . HOH I 5 . ? 3.681   8.527   -9.838  1.00 15.00 ? 43  HOH B H2     1 
HETATM 439 O  O      . HOH I 5 . ? 1.093   0.703   5.092   1.00 5.56  ? 44  HOH B O      1 
HETATM 440 H  H1     . HOH I 5 . ? 0.426   0.154   4.660   1.00 15.00 ? 44  HOH B H1     1 
HETATM 441 H  H2     . HOH I 5 . ? 0.761   1.604   4.986   1.00 15.00 ? 44  HOH B H2     1 
HETATM 442 O  O      . HOH I 5 . ? 3.778   4.784   -2.428  1.00 5.78  ? 46  HOH B O      1 
HETATM 443 H  H1     . HOH I 5 . ? 4.078   5.536   -1.865  1.00 15.00 ? 46  HOH B H1     1 
HETATM 444 H  H2     . HOH I 5 . ? 3.098   5.233   -2.955  1.00 15.00 ? 46  HOH B H2     1 
HETATM 445 O  O      . HOH I 5 . ? -0.257  -2.450  17.298  1.00 4.72  ? 51  HOH B O      1 
HETATM 446 H  H1     . HOH I 5 . ? -0.331  -2.967  16.478  1.00 15.00 ? 51  HOH B H1     1 
HETATM 447 H  H2     . HOH I 5 . ? 0.579   -1.994  17.130  1.00 15.00 ? 51  HOH B H2     1 
HETATM 448 O  O      . HOH I 5 . ? -2.925  -1.544  4.114   1.00 10.29 ? 53  HOH B O      1 
HETATM 449 H  H1     . HOH I 5 . ? -2.162  -1.575  3.513   1.00 15.00 ? 53  HOH B H1     1 
HETATM 450 H  H2     . HOH I 5 . ? -3.375  -0.748  3.835   1.00 15.00 ? 53  HOH B H2     1 
HETATM 451 O  O      . HOH I 5 . ? 6.901   10.648  -6.658  1.00 12.45 ? 56  HOH B O      1 
HETATM 452 H  H1     . HOH I 5 . ? 6.193   10.667  -7.315  1.00 15.00 ? 56  HOH B H1     1 
HETATM 453 H  H2     . HOH I 5 . ? 7.674   10.615  -7.237  1.00 15.00 ? 56  HOH B H2     1 
HETATM 454 O  O      . HOH I 5 . ? 4.998   1.496   6.797   1.00 15.07 ? 57  HOH B O      1 
HETATM 455 H  H1     . HOH I 5 . ? 4.480   0.763   7.165   1.00 15.00 ? 57  HOH B H1     1 
HETATM 456 H  H2     . HOH I 5 . ? 4.294   1.923   6.290   1.00 15.00 ? 57  HOH B H2     1 
HETATM 457 O  O      . HOH I 5 . ? 7.774   13.611  -6.614  1.00 13.27 ? 59  HOH B O      1 
HETATM 458 H  H1     . HOH I 5 . ? 7.320   12.757  -6.592  1.00 15.00 ? 59  HOH B H1     1 
HETATM 459 H  H2     . HOH I 5 . ? 8.638   13.371  -6.972  1.00 15.00 ? 59  HOH B H2     1 
HETATM 460 O  O      . HOH I 5 . ? 4.021   9.754   -8.788  1.00 6.26  ? 60  HOH B O      1 
HETATM 461 H  H1     . HOH I 5 . ? 3.775   9.826   -7.858  1.00 15.00 ? 60  HOH B H1     1 
HETATM 462 H  H2     . HOH I 5 . ? 3.615   10.563  -9.136  1.00 15.00 ? 60  HOH B H2     1 
HETATM 463 O  O      . HOH I 5 . ? -1.345  5.920   -9.997  1.00 8.75  ? 61  HOH B O      1 
HETATM 464 H  H1     . HOH I 5 . ? -1.607  5.922   -10.931 1.00 15.00 ? 61  HOH B H1     1 
HETATM 465 H  H2     . HOH I 5 . ? -0.544  6.465   -10.037 1.00 15.00 ? 61  HOH B H2     1 
HETATM 466 O  O      . HOH I 5 . ? 5.196   13.715  -2.130  1.00 9.79  ? 64  HOH B O      1 
HETATM 467 H  H1     . HOH I 5 . ? 4.871   13.384  -1.259  1.00 15.00 ? 64  HOH B H1     1 
HETATM 468 H  H2     . HOH I 5 . ? 4.743   13.109  -2.726  1.00 15.00 ? 64  HOH B H2     1 
HETATM 469 O  O      . HOH I 5 . ? 6.036   9.872   -2.916  1.00 7.57  ? 65  HOH B O      1 
HETATM 470 H  H1     . HOH I 5 . ? 6.271   10.640  -3.460  1.00 15.00 ? 65  HOH B H1     1 
HETATM 471 H  H2     . HOH I 5 . ? 6.397   9.157   -3.458  1.00 15.00 ? 65  HOH B H2     1 
HETATM 472 O  O      . HOH I 5 . ? -0.298  4.434   12.693  1.00 10.54 ? 68  HOH B O      1 
HETATM 473 H  H1     . HOH I 5 . ? -0.156  4.354   11.736  1.00 15.00 ? 68  HOH B H1     1 
HETATM 474 H  H2     . HOH I 5 . ? 0.597   4.236   13.008  1.00 15.00 ? 68  HOH B H2     1 
HETATM 475 O  O      . HOH I 5 . ? 7.631   5.572   -2.446  1.00 13.80 ? 69  HOH B O      1 
HETATM 476 H  H1     . HOH I 5 . ? 7.841   6.369   -2.953  1.00 15.00 ? 69  HOH B H1     1 
HETATM 477 H  H2     . HOH I 5 . ? 8.504   5.356   -2.079  1.00 15.00 ? 69  HOH B H2     1 
HETATM 478 O  O      . HOH I 5 . ? -2.715  -1.049  17.249  1.00 3.29  ? 78  HOH B O      1 
HETATM 479 H  H1     . HOH I 5 . ? -1.861  -1.526  17.292  1.00 15.00 ? 78  HOH B H1     1 
HETATM 480 H  H2     . HOH I 5 . ? -3.350  -1.786  17.168  1.00 15.00 ? 78  HOH B H2     1 
HETATM 481 O  O      . HOH I 5 . ? -3.116  6.615   9.951   1.00 10.90 ? 82  HOH B O      1 
HETATM 482 H  H1     . HOH I 5 . ? -2.180  6.448   9.748   1.00 15.00 ? 82  HOH B H1     1 
HETATM 483 H  H2     . HOH I 5 . ? -3.432  6.868   9.050   1.00 15.00 ? 82  HOH B H2     1 
HETATM 484 O  O      . HOH I 5 . ? 6.033   0.524   2.258   1.00 10.64 ? 86  HOH B O      1 
HETATM 485 H  H1     . HOH I 5 . ? 5.095   0.713   2.513   1.00 15.00 ? 86  HOH B H1     1 
HETATM 486 H  H2     . HOH I 5 . ? 5.922   0.327   1.296   1.00 15.00 ? 86  HOH B H2     1 
HETATM 487 O  O      . HOH I 5 . ? 6.435   4.334   0.386   1.00 9.22  ? 89  HOH B O      1 
HETATM 488 H  H1     . HOH I 5 . ? 6.286   4.941   1.130   1.00 15.00 ? 89  HOH B H1     1 
HETATM 489 H  H2     . HOH I 5 . ? 7.398   4.205   0.421   1.00 15.00 ? 89  HOH B H2     1 
HETATM 490 O  O      . HOH I 5 . ? 8.991   6.259   0.380   1.00 11.92 ? 90  HOH B O      1 
HETATM 491 H  H1     . HOH I 5 . ? 9.617   6.931   0.012   1.00 15.00 ? 90  HOH B H1     1 
HETATM 492 H  H2     . HOH I 5 . ? 9.625   5.735   0.897   1.00 15.00 ? 90  HOH B H2     1 
HETATM 493 O  O      . HOH I 5 . ? 4.512   6.689   -0.635  1.00 8.34  ? 91  HOH B O      1 
HETATM 494 H  H1     . HOH I 5 . ? 3.841   6.664   0.065   1.00 15.00 ? 91  HOH B H1     1 
HETATM 495 H  H2     . HOH I 5 . ? 4.590   7.660   -0.739  1.00 15.00 ? 91  HOH B H2     1 
HETATM 496 O  O      . HOH I 5 . ? 3.126   0.337   3.168   1.00 7.87  ? 97  HOH B O      1 
HETATM 497 H  H1     . HOH I 5 . ? 2.377   -0.093  2.741   1.00 15.00 ? 97  HOH B H1     1 
HETATM 498 H  H2     . HOH I 5 . ? 2.697   0.610   4.002   1.00 15.00 ? 97  HOH B H2     1 
HETATM 499 O  O      . HOH I 5 . ? -4.017  7.303   7.448   1.00 4.90  ? 99  HOH B O      1 
HETATM 500 H  H1     . HOH I 5 . ? -4.084  8.258   7.196   1.00 15.00 ? 99  HOH B H1     1 
HETATM 501 H  H2     . HOH I 5 . ? -3.348  7.026   6.807   1.00 15.00 ? 99  HOH B H2     1 
HETATM 502 O  O      . HOH I 5 . ? 3.424   -1.214  7.873   1.00 10.09 ? 103 HOH B O      1 
HETATM 503 H  H1     . HOH I 5 . ? 3.220   -2.153  7.991   1.00 15.00 ? 103 HOH B H1     1 
HETATM 504 H  H2     . HOH I 5 . ? 2.617   -0.927  7.417   1.00 15.00 ? 103 HOH B H2     1 
HETATM 505 O  O      . HOH I 5 . ? 4.038   10.684  -1.156  1.00 4.19  ? 105 HOH B O      1 
HETATM 506 H  H1     . HOH I 5 . ? 4.544   10.308  -1.906  1.00 15.00 ? 105 HOH B H1     1 
HETATM 507 H  H2     . HOH I 5 . ? 3.220   10.999  -1.593  1.00 15.00 ? 105 HOH B H2     1 
HETATM 508 O  O      . HOH I 5 . ? 1.576   -7.234  8.833   1.00 15.76 ? 108 HOH B O      1 
HETATM 509 H  H1     . HOH I 5 . ? 1.876   -6.885  9.670   1.00 15.00 ? 108 HOH B H1     1 
HETATM 510 H  H2     . HOH I 5 . ? 0.626   -7.067  8.849   1.00 15.00 ? 108 HOH B H2     1 
# 
loop_
_pdbx_poly_seq_scheme.asym_id 
_pdbx_poly_seq_scheme.entity_id 
_pdbx_poly_seq_scheme.seq_id 
_pdbx_poly_seq_scheme.mon_id 
_pdbx_poly_seq_scheme.ndb_seq_num 
_pdbx_poly_seq_scheme.pdb_seq_num 
_pdbx_poly_seq_scheme.auth_seq_num 
_pdbx_poly_seq_scheme.pdb_mon_id 
_pdbx_poly_seq_scheme.auth_mon_id 
_pdbx_poly_seq_scheme.pdb_strand_id 
_pdbx_poly_seq_scheme.pdb_ins_code 
_pdbx_poly_seq_scheme.hetero 
A 1 1 DC 1 1  1  DC CYT A . n 
A 1 2 DG 2 2  2  DG GUA A . n 
A 1 3 DC 3 3  3  DC CYT A . n 
A 1 4 DG 4 4  4  DG GUA A . n 
A 1 5 DC 5 5  5  DC CYT A . n 
A 1 6 DG 6 6  6  DG GUA A . n 
B 1 1 DC 1 7  7  DC CYT B . n 
B 1 2 DG 2 8  8  DG GUA B . n 
B 1 3 DC 3 9  9  DC CYT B . n 
B 1 4 DG 4 10 10 DG GUA B . n 
B 1 5 DC 5 11 11 DC CYT B . n 
B 1 6 DG 6 12 12 DG GUA B . n 
# 
loop_
_pdbx_nonpoly_scheme.asym_id 
_pdbx_nonpoly_scheme.entity_id 
_pdbx_nonpoly_scheme.mon_id 
_pdbx_nonpoly_scheme.ndb_seq_num 
_pdbx_nonpoly_scheme.pdb_seq_num 
_pdbx_nonpoly_scheme.auth_seq_num 
_pdbx_nonpoly_scheme.pdb_mon_id 
_pdbx_nonpoly_scheme.auth_mon_id 
_pdbx_nonpoly_scheme.pdb_strand_id 
_pdbx_nonpoly_scheme.pdb_ins_code 
C 2 SPD 1  120 120 SPD PA3 A . 
D 3 MG  1  92  92  MG  MG  A . 
E 3 MG  1  93  93  MG  MG  A . 
F 3 MG  1  94  94  MG  MG  A . 
G 4 NA  1  116 116 NA  NA  A . 
H 5 HOH 1  13  13  HOH WAT A . 
H 5 HOH 2  14  14  HOH WAT A . 
H 5 HOH 3  15  15  HOH WAT A . 
H 5 HOH 4  16  16  HOH WAT A . 
H 5 HOH 5  20  20  HOH WAT A . 
H 5 HOH 6  23  23  HOH WAT A . 
H 5 HOH 7  28  28  HOH WAT A . 
H 5 HOH 8  30  30  HOH WAT A . 
H 5 HOH 9  33  33  HOH WAT A . 
H 5 HOH 10 34  34  HOH WAT A . 
H 5 HOH 11 36  36  HOH WAT A . 
H 5 HOH 12 37  37  HOH WAT A . 
H 5 HOH 13 39  39  HOH WAT A . 
H 5 HOH 14 40  40  HOH WAT A . 
H 5 HOH 15 41  41  HOH WAT A . 
H 5 HOH 16 47  47  HOH WAT A . 
H 5 HOH 17 50  50  HOH WAT A . 
H 5 HOH 18 52  52  HOH WAT A . 
H 5 HOH 19 54  54  HOH WAT A . 
H 5 HOH 20 55  55  HOH WAT A . 
H 5 HOH 21 62  62  HOH WAT A . 
H 5 HOH 22 67  67  HOH WAT A . 
H 5 HOH 23 79  79  HOH WAT A . 
H 5 HOH 24 80  80  HOH WAT A . 
H 5 HOH 25 81  81  HOH WAT A . 
H 5 HOH 26 85  85  HOH WAT A . 
H 5 HOH 27 87  87  HOH WAT A . 
H 5 HOH 28 88  88  HOH WAT A . 
H 5 HOH 29 95  95  HOH WAT A . 
H 5 HOH 30 96  96  HOH WAT A . 
H 5 HOH 31 100 100 HOH WAT A . 
H 5 HOH 32 101 101 HOH WAT A . 
H 5 HOH 33 102 102 HOH WAT A . 
H 5 HOH 34 113 113 HOH WAT A . 
H 5 HOH 35 114 114 HOH WAT A . 
H 5 HOH 36 115 115 HOH WAT A . 
I 5 HOH 1  18  18  HOH WAT B . 
I 5 HOH 2  22  22  HOH WAT B . 
I 5 HOH 3  24  24  HOH WAT B . 
I 5 HOH 4  29  29  HOH WAT B . 
I 5 HOH 5  35  35  HOH WAT B . 
I 5 HOH 6  38  38  HOH WAT B . 
I 5 HOH 7  43  43  HOH WAT B . 
I 5 HOH 8  44  44  HOH WAT B . 
I 5 HOH 9  46  46  HOH WAT B . 
I 5 HOH 10 51  51  HOH WAT B . 
I 5 HOH 11 53  53  HOH WAT B . 
I 5 HOH 12 56  56  HOH WAT B . 
I 5 HOH 13 57  57  HOH WAT B . 
I 5 HOH 14 59  59  HOH WAT B . 
I 5 HOH 15 60  60  HOH WAT B . 
I 5 HOH 16 61  61  HOH WAT B . 
I 5 HOH 17 64  64  HOH WAT B . 
I 5 HOH 18 65  65  HOH WAT B . 
I 5 HOH 19 68  68  HOH WAT B . 
I 5 HOH 20 69  69  HOH WAT B . 
I 5 HOH 21 78  78  HOH WAT B . 
I 5 HOH 22 82  82  HOH WAT B . 
I 5 HOH 23 86  86  HOH WAT B . 
I 5 HOH 24 89  89  HOH WAT B . 
I 5 HOH 25 90  90  HOH WAT B . 
I 5 HOH 26 91  91  HOH WAT B . 
I 5 HOH 27 97  97  HOH WAT B . 
I 5 HOH 28 99  99  HOH WAT B . 
I 5 HOH 29 103 103 HOH WAT B . 
I 5 HOH 30 105 105 HOH WAT B . 
I 5 HOH 31 108 108 HOH WAT B . 
# 
loop_
_pdbx_struct_assembly.id 
_pdbx_struct_assembly.details 
_pdbx_struct_assembly.method_details 
_pdbx_struct_assembly.oligomeric_details 
_pdbx_struct_assembly.oligomeric_count 
1 author_defined_assembly   ?    tetrameric 4 
2 software_defined_assembly PISA dimeric    2 
# 
loop_
_pdbx_struct_assembly_gen.assembly_id 
_pdbx_struct_assembly_gen.oper_expression 
_pdbx_struct_assembly_gen.asym_id_list 
1 1,2 A,B,C,D,E,F,G,H,I 
2 1   A,B,C,D,E,F,G,H,I 
# 
loop_
_pdbx_struct_assembly_prop.biol_id 
_pdbx_struct_assembly_prop.type 
_pdbx_struct_assembly_prop.value 
_pdbx_struct_assembly_prop.details 
2 'ABSA (A^2)' 1170  ? 
2 MORE         -22.2 ? 
2 'SSA (A^2)'  2590  ? 
# 
loop_
_pdbx_struct_oper_list.id 
_pdbx_struct_oper_list.type 
_pdbx_struct_oper_list.name 
_pdbx_struct_oper_list.symmetry_operation 
_pdbx_struct_oper_list.matrix[1][1] 
_pdbx_struct_oper_list.matrix[1][2] 
_pdbx_struct_oper_list.matrix[1][3] 
_pdbx_struct_oper_list.vector[1] 
_pdbx_struct_oper_list.matrix[2][1] 
_pdbx_struct_oper_list.matrix[2][2] 
_pdbx_struct_oper_list.matrix[2][3] 
_pdbx_struct_oper_list.vector[2] 
_pdbx_struct_oper_list.matrix[3][1] 
_pdbx_struct_oper_list.matrix[3][2] 
_pdbx_struct_oper_list.matrix[3][3] 
_pdbx_struct_oper_list.vector[3] 
1 'identity operation'         1_555 x,y,z           1.0000000000  0.0000000000 0.0000000000  0.0000000000  0.0000000000 1.0000000000  0.0000000000  0.0000000000 0.0000000000  0.0000000000  1.0000000000 0.0000000000   
2 'crystal symmetry operation' 2_555 -x+1/2,-y,z+1/2 -0.1963386088 0.1412612797 -0.9703073748 13.8482405518 0.1412612797 -0.9751702031 -0.1705530002 4.0134961118 -0.9703073748 -0.1705530002 0.1715088119 -16.7053759887 
# 
loop_
_pdbx_audit_revision_history.ordinal 
_pdbx_audit_revision_history.data_content_type 
_pdbx_audit_revision_history.major_revision 
_pdbx_audit_revision_history.minor_revision 
_pdbx_audit_revision_history.revision_date 
1 'Structure model' 1 0 2008-04-01 
2 'Structure model' 1 1 2011-07-13 
3 'Structure model' 1 2 2023-10-25 
# 
_pdbx_audit_revision_details.ordinal             1 
_pdbx_audit_revision_details.revision_ordinal    1 
_pdbx_audit_revision_details.data_content_type   'Structure model' 
_pdbx_audit_revision_details.provider            repository 
_pdbx_audit_revision_details.type                'Initial release' 
_pdbx_audit_revision_details.description         ? 
_pdbx_audit_revision_details.details             ? 
# 
loop_
_pdbx_audit_revision_group.ordinal 
_pdbx_audit_revision_group.revision_ordinal 
_pdbx_audit_revision_group.data_content_type 
_pdbx_audit_revision_group.group 
1 2 'Structure model' 'Version format compliance' 
2 3 'Structure model' 'Data collection'           
3 3 'Structure model' 'Database references'       
4 3 'Structure model' 'Derived calculations'      
5 3 'Structure model' 'Refinement description'    
# 
loop_
_pdbx_audit_revision_category.ordinal 
_pdbx_audit_revision_category.revision_ordinal 
_pdbx_audit_revision_category.data_content_type 
_pdbx_audit_revision_category.category 
1 3 'Structure model' chem_comp_atom                
2 3 'Structure model' chem_comp_bond                
3 3 'Structure model' database_2                    
4 3 'Structure model' pdbx_initial_refinement_model 
5 3 'Structure model' struct_site                   
# 
loop_
_pdbx_audit_revision_item.ordinal 
_pdbx_audit_revision_item.revision_ordinal 
_pdbx_audit_revision_item.data_content_type 
_pdbx_audit_revision_item.item 
1 3 'Structure model' '_database_2.pdbx_DOI'                
2 3 'Structure model' '_database_2.pdbx_database_accession' 
3 3 'Structure model' '_struct_site.pdbx_auth_asym_id'      
4 3 'Structure model' '_struct_site.pdbx_auth_comp_id'      
5 3 'Structure model' '_struct_site.pdbx_auth_seq_id'       
# 
loop_
_software.name 
_software.classification 
_software.version 
_software.citation_id 
_software.pdbx_ordinal 
ADSC   'data collection' Quantum ? 1 
MERLOT phasing           .       ? 2 
X-PLOR refinement        3.851   ? 3 
MOSFLM 'data reduction'  .       ? 4 
SCALA  'data scaling'    .       ? 5 
# 
loop_
_pdbx_validate_close_contact.id 
_pdbx_validate_close_contact.PDB_model_num 
_pdbx_validate_close_contact.auth_atom_id_1 
_pdbx_validate_close_contact.auth_asym_id_1 
_pdbx_validate_close_contact.auth_comp_id_1 
_pdbx_validate_close_contact.auth_seq_id_1 
_pdbx_validate_close_contact.PDB_ins_code_1 
_pdbx_validate_close_contact.label_alt_id_1 
_pdbx_validate_close_contact.auth_atom_id_2 
_pdbx_validate_close_contact.auth_asym_id_2 
_pdbx_validate_close_contact.auth_comp_id_2 
_pdbx_validate_close_contact.auth_seq_id_2 
_pdbx_validate_close_contact.PDB_ins_code_2 
_pdbx_validate_close_contact.label_alt_id_2 
_pdbx_validate_close_contact.dist 
1 1 O A HOH 30 ? ? H2 A HOH 100 ? ? 1.51 
2 1 O A HOH 16 ? ? H2 A HOH 114 ? ? 1.53 
3 1 O A HOH 34 ? ? H1 A HOH 100 ? ? 1.57 
# 
loop_
_pdbx_validate_symm_contact.id 
_pdbx_validate_symm_contact.PDB_model_num 
_pdbx_validate_symm_contact.auth_atom_id_1 
_pdbx_validate_symm_contact.auth_asym_id_1 
_pdbx_validate_symm_contact.auth_comp_id_1 
_pdbx_validate_symm_contact.auth_seq_id_1 
_pdbx_validate_symm_contact.PDB_ins_code_1 
_pdbx_validate_symm_contact.label_alt_id_1 
_pdbx_validate_symm_contact.site_symmetry_1 
_pdbx_validate_symm_contact.auth_atom_id_2 
_pdbx_validate_symm_contact.auth_asym_id_2 
_pdbx_validate_symm_contact.auth_comp_id_2 
_pdbx_validate_symm_contact.auth_seq_id_2 
_pdbx_validate_symm_contact.PDB_ins_code_2 
_pdbx_validate_symm_contact.label_alt_id_2 
_pdbx_validate_symm_contact.site_symmetry_2 
_pdbx_validate_symm_contact.dist 
1 1 H1 B HOH 38  ? ? 1_555 O  B HOH 64  ? ? 3_645 1.57 
2 1 O  A HOH 20  ? ? 1_555 H1 B HOH 64  ? ? 3_545 1.59 
3 1 H1 A HOH 115 ? ? 1_555 O  B HOH 68  ? ? 2_555 1.59 
4 1 MG A MG  94  ? ? 1_555 O  A HOH 100 ? ? 3_645 1.64 
# 
loop_
_pdbx_validate_rmsd_bond.id 
_pdbx_validate_rmsd_bond.PDB_model_num 
_pdbx_validate_rmsd_bond.auth_atom_id_1 
_pdbx_validate_rmsd_bond.auth_asym_id_1 
_pdbx_validate_rmsd_bond.auth_comp_id_1 
_pdbx_validate_rmsd_bond.auth_seq_id_1 
_pdbx_validate_rmsd_bond.PDB_ins_code_1 
_pdbx_validate_rmsd_bond.label_alt_id_1 
_pdbx_validate_rmsd_bond.auth_atom_id_2 
_pdbx_validate_rmsd_bond.auth_asym_id_2 
_pdbx_validate_rmsd_bond.auth_comp_id_2 
_pdbx_validate_rmsd_bond.auth_seq_id_2 
_pdbx_validate_rmsd_bond.PDB_ins_code_2 
_pdbx_validate_rmsd_bond.label_alt_id_2 
_pdbx_validate_rmsd_bond.bond_value 
_pdbx_validate_rmsd_bond.bond_target_value 
_pdbx_validate_rmsd_bond.bond_deviation 
_pdbx_validate_rmsd_bond.bond_standard_deviation 
_pdbx_validate_rmsd_bond.linker_flag 
1  1 "C3'" A DC 1  ? ? "C2'" A DC 1  ? ? 1.606 1.518 0.088 0.012 N 
2  1 C5    A DG 2  ? ? N7    A DG 2  ? ? 1.445 1.388 0.057 0.006 N 
3  1 "O3'" A DG 2  ? ? P     A DC 3  ? ? 1.695 1.607 0.088 0.012 Y 
4  1 P     A DC 3  ? ? OP2   A DC 3  ? ? 1.612 1.485 0.127 0.017 N 
5  1 P     A DC 3  ? ? "O5'" A DC 3  ? ? 1.666 1.593 0.073 0.010 N 
6  1 C4    A DC 3  ? ? C5    A DC 3  ? ? 1.489 1.425 0.064 0.008 N 
7  1 "O3'" A DC 3  ? ? P     A DG 4  ? ? 1.682 1.607 0.075 0.012 Y 
8  1 P     A DG 4  ? ? "O5'" A DG 4  ? ? 1.706 1.593 0.113 0.010 N 
9  1 N1    A DG 4  ? ? C2    A DG 4  ? ? 1.429 1.373 0.056 0.008 N 
10 1 C2    A DG 4  ? ? N3    A DG 4  ? ? 1.375 1.323 0.052 0.008 N 
11 1 N3    A DG 4  ? ? C4    A DG 4  ? ? 1.398 1.350 0.048 0.007 N 
12 1 C5    A DG 4  ? ? C6    A DG 4  ? ? 1.483 1.419 0.064 0.010 N 
13 1 C6    A DG 4  ? ? N1    A DG 4  ? ? 1.445 1.391 0.054 0.007 N 
14 1 C5    A DG 4  ? ? N7    A DG 4  ? ? 1.458 1.388 0.070 0.006 N 
15 1 N9    A DG 4  ? ? C4    A DG 4  ? ? 1.426 1.375 0.051 0.008 N 
16 1 P     A DC 5  ? ? "O5'" A DC 5  ? ? 1.698 1.593 0.105 0.010 N 
17 1 "C4'" A DC 5  ? ? "C3'" A DC 5  ? ? 1.596 1.529 0.067 0.010 N 
18 1 N1    A DC 5  ? ? C6    A DC 5  ? ? 1.414 1.367 0.047 0.006 N 
19 1 C4    A DC 5  ? ? C5    A DC 5  ? ? 1.497 1.425 0.072 0.008 N 
20 1 "O3'" A DC 5  ? ? P     A DG 6  ? ? 1.704 1.607 0.097 0.012 Y 
21 1 P     A DG 6  ? ? "O5'" A DG 6  ? ? 1.660 1.593 0.067 0.010 N 
22 1 N3    A DG 6  ? ? C4    A DG 6  ? ? 1.397 1.350 0.047 0.007 N 
23 1 C5    A DG 6  ? ? N7    A DG 6  ? ? 1.456 1.388 0.068 0.006 N 
24 1 C8    A DG 6  ? ? N9    A DG 6  ? ? 1.427 1.374 0.053 0.007 N 
25 1 "C5'" B DC 7  ? ? "C4'" B DC 7  ? ? 1.569 1.512 0.057 0.007 N 
26 1 N1    B DC 7  ? ? C6    B DC 7  ? ? 1.414 1.367 0.047 0.006 N 
27 1 C2    B DC 7  ? ? N3    B DC 7  ? ? 1.415 1.353 0.062 0.008 N 
28 1 C5    B DG 8  ? ? N7    B DG 8  ? ? 1.429 1.388 0.041 0.006 N 
29 1 C8    B DG 8  ? ? N9    B DG 8  ? ? 1.426 1.374 0.052 0.007 N 
30 1 N9    B DG 8  ? ? C4    B DG 8  ? ? 1.426 1.375 0.051 0.008 N 
31 1 P     B DC 9  ? ? "O5'" B DC 9  ? ? 1.666 1.593 0.073 0.010 N 
32 1 "O4'" B DC 9  ? ? "C1'" B DC 9  ? ? 1.504 1.420 0.084 0.011 N 
33 1 P     B DG 10 ? ? "O5'" B DG 10 ? ? 1.705 1.593 0.112 0.010 N 
34 1 N1    B DG 10 ? ? C2    B DG 10 ? ? 1.428 1.373 0.055 0.008 N 
35 1 C2    B DG 10 ? ? N3    B DG 10 ? ? 1.371 1.323 0.048 0.008 N 
36 1 C5    B DG 10 ? ? N7    B DG 10 ? ? 1.437 1.388 0.049 0.006 N 
37 1 N7    B DG 10 ? ? C8    B DG 10 ? ? 1.347 1.305 0.042 0.006 N 
38 1 N9    B DG 10 ? ? C4    B DG 10 ? ? 1.438 1.375 0.063 0.008 N 
39 1 P     B DC 11 ? ? "O5'" B DC 11 ? ? 1.680 1.593 0.087 0.010 N 
40 1 "C4'" B DC 11 ? ? "C3'" B DC 11 ? ? 1.615 1.529 0.086 0.010 N 
41 1 "C3'" B DC 11 ? ? "C2'" B DC 11 ? ? 1.595 1.518 0.077 0.012 N 
42 1 "C2'" B DC 11 ? ? "C1'" B DC 11 ? ? 1.623 1.519 0.104 0.010 N 
43 1 N1    B DC 11 ? ? C6    B DC 11 ? ? 1.420 1.367 0.053 0.006 N 
44 1 P     B DG 12 ? ? "O5'" B DG 12 ? ? 1.686 1.593 0.093 0.010 N 
45 1 "O4'" B DG 12 ? ? "C1'" B DG 12 ? ? 1.503 1.420 0.083 0.011 N 
46 1 C2    B DG 12 ? ? N3    B DG 12 ? ? 1.385 1.323 0.062 0.008 N 
47 1 C5    B DG 12 ? ? N7    B DG 12 ? ? 1.447 1.388 0.059 0.006 N 
48 1 C8    B DG 12 ? ? N9    B DG 12 ? ? 1.420 1.374 0.046 0.007 N 
# 
loop_
_pdbx_validate_rmsd_angle.id 
_pdbx_validate_rmsd_angle.PDB_model_num 
_pdbx_validate_rmsd_angle.auth_atom_id_1 
_pdbx_validate_rmsd_angle.auth_asym_id_1 
_pdbx_validate_rmsd_angle.auth_comp_id_1 
_pdbx_validate_rmsd_angle.auth_seq_id_1 
_pdbx_validate_rmsd_angle.PDB_ins_code_1 
_pdbx_validate_rmsd_angle.label_alt_id_1 
_pdbx_validate_rmsd_angle.auth_atom_id_2 
_pdbx_validate_rmsd_angle.auth_asym_id_2 
_pdbx_validate_rmsd_angle.auth_comp_id_2 
_pdbx_validate_rmsd_angle.auth_seq_id_2 
_pdbx_validate_rmsd_angle.PDB_ins_code_2 
_pdbx_validate_rmsd_angle.label_alt_id_2 
_pdbx_validate_rmsd_angle.auth_atom_id_3 
_pdbx_validate_rmsd_angle.auth_asym_id_3 
_pdbx_validate_rmsd_angle.auth_comp_id_3 
_pdbx_validate_rmsd_angle.auth_seq_id_3 
_pdbx_validate_rmsd_angle.PDB_ins_code_3 
_pdbx_validate_rmsd_angle.label_alt_id_3 
_pdbx_validate_rmsd_angle.angle_value 
_pdbx_validate_rmsd_angle.angle_target_value 
_pdbx_validate_rmsd_angle.angle_deviation 
_pdbx_validate_rmsd_angle.angle_standard_deviation 
_pdbx_validate_rmsd_angle.linker_flag 
1  1 "O5'" A DG 2  ? ? "C5'" A DG 2  ? ? "C4'" A DG 2  ? ? 101.51 109.40 -7.89  0.80 N 
2  1 "C1'" A DG 2  ? ? "O4'" A DG 2  ? ? "C4'" A DG 2  ? ? 102.61 110.10 -7.49  1.00 N 
3  1 "O4'" A DG 2  ? ? "C1'" A DG 2  ? ? "C2'" A DG 2  ? ? 111.31 106.80 4.51   0.50 N 
4  1 "C3'" A DC 3  ? ? "C2'" A DC 3  ? ? "C1'" A DC 3  ? ? 97.16  102.40 -5.24  0.80 N 
5  1 "O5'" A DG 4  ? ? "C5'" A DG 4  ? ? "C4'" A DG 4  ? ? 103.61 109.40 -5.79  0.80 N 
6  1 "O4'" A DG 4  ? ? "C1'" A DG 4  ? ? N9    A DG 4  ? ? 102.86 108.00 -5.14  0.70 N 
7  1 "C3'" A DC 5  ? ? "O3'" A DC 5  ? ? P     A DG 6  ? ? 111.26 119.70 -8.44  1.20 Y 
8  1 "O5'" A DG 6  ? ? "C5'" A DG 6  ? ? "C4'" A DG 6  ? ? 104.40 109.40 -5.00  0.80 N 
9  1 C2    A DG 6  ? ? N3    A DG 6  ? ? C4    A DG 6  ? ? 108.62 111.90 -3.28  0.50 N 
10 1 "O4'" B DC 7  ? ? "C1'" B DC 7  ? ? N1    B DC 7  ? ? 111.04 108.30 2.74   0.30 N 
11 1 "O5'" B DG 8  ? ? "C5'" B DG 8  ? ? "C4'" B DG 8  ? ? 104.38 109.40 -5.02  0.80 N 
12 1 "O4'" B DG 8  ? ? "C4'" B DG 8  ? ? "C3'" B DG 8  ? ? 109.62 106.00 3.62   0.60 N 
13 1 "C1'" B DG 8  ? ? "O4'" B DG 8  ? ? "C4'" B DG 8  ? ? 103.45 110.10 -6.65  1.00 N 
14 1 "O4'" B DG 8  ? ? "C1'" B DG 8  ? ? "C2'" B DG 8  ? ? 113.83 106.80 7.03   0.50 N 
15 1 P     B DC 9  ? ? "O5'" B DC 9  ? ? "C5'" B DC 9  ? ? 110.29 120.90 -10.61 1.60 N 
16 1 "O5'" B DG 10 ? ? "C5'" B DG 10 ? ? "C4'" B DG 10 ? ? 103.56 109.40 -5.84  0.80 N 
17 1 "O4'" B DG 10 ? ? "C1'" B DG 10 ? ? "C2'" B DG 10 ? ? 112.75 106.80 5.95   0.50 N 
18 1 "O5'" B DG 12 ? ? "C5'" B DG 12 ? ? "C4'" B DG 12 ? ? 102.64 109.40 -6.76  0.80 N 
# 
loop_
_pdbx_validate_planes.id 
_pdbx_validate_planes.PDB_model_num 
_pdbx_validate_planes.auth_comp_id 
_pdbx_validate_planes.auth_asym_id 
_pdbx_validate_planes.auth_seq_id 
_pdbx_validate_planes.PDB_ins_code 
_pdbx_validate_planes.label_alt_id 
_pdbx_validate_planes.rmsd 
_pdbx_validate_planes.type 
1 1 DG A 2  ? ? 0.073 'SIDE CHAIN' 
2 1 DG A 4  ? ? 0.058 'SIDE CHAIN' 
3 1 DG A 6  ? ? 0.066 'SIDE CHAIN' 
4 1 DG B 8  ? ? 0.077 'SIDE CHAIN' 
5 1 DC B 11 ? ? 0.079 'SIDE CHAIN' 
# 
loop_
_chem_comp_atom.comp_id 
_chem_comp_atom.atom_id 
_chem_comp_atom.type_symbol 
_chem_comp_atom.pdbx_aromatic_flag 
_chem_comp_atom.pdbx_stereo_config 
_chem_comp_atom.pdbx_ordinal 
DC  OP3    O  N N 1   
DC  P      P  N N 2   
DC  OP1    O  N N 3   
DC  OP2    O  N N 4   
DC  "O5'"  O  N N 5   
DC  "C5'"  C  N N 6   
DC  "C4'"  C  N R 7   
DC  "O4'"  O  N N 8   
DC  "C3'"  C  N S 9   
DC  "O3'"  O  N N 10  
DC  "C2'"  C  N N 11  
DC  "C1'"  C  N R 12  
DC  N1     N  N N 13  
DC  C2     C  N N 14  
DC  O2     O  N N 15  
DC  N3     N  N N 16  
DC  C4     C  N N 17  
DC  N4     N  N N 18  
DC  C5     C  N N 19  
DC  C6     C  N N 20  
DC  HOP3   H  N N 21  
DC  HOP2   H  N N 22  
DC  "H5'"  H  N N 23  
DC  "H5''" H  N N 24  
DC  "H4'"  H  N N 25  
DC  "H3'"  H  N N 26  
DC  "HO3'" H  N N 27  
DC  "H2'"  H  N N 28  
DC  "H2''" H  N N 29  
DC  "H1'"  H  N N 30  
DC  H41    H  N N 31  
DC  H42    H  N N 32  
DC  H5     H  N N 33  
DC  H6     H  N N 34  
DG  OP3    O  N N 35  
DG  P      P  N N 36  
DG  OP1    O  N N 37  
DG  OP2    O  N N 38  
DG  "O5'"  O  N N 39  
DG  "C5'"  C  N N 40  
DG  "C4'"  C  N R 41  
DG  "O4'"  O  N N 42  
DG  "C3'"  C  N S 43  
DG  "O3'"  O  N N 44  
DG  "C2'"  C  N N 45  
DG  "C1'"  C  N R 46  
DG  N9     N  Y N 47  
DG  C8     C  Y N 48  
DG  N7     N  Y N 49  
DG  C5     C  Y N 50  
DG  C6     C  N N 51  
DG  O6     O  N N 52  
DG  N1     N  N N 53  
DG  C2     C  N N 54  
DG  N2     N  N N 55  
DG  N3     N  N N 56  
DG  C4     C  Y N 57  
DG  HOP3   H  N N 58  
DG  HOP2   H  N N 59  
DG  "H5'"  H  N N 60  
DG  "H5''" H  N N 61  
DG  "H4'"  H  N N 62  
DG  "H3'"  H  N N 63  
DG  "HO3'" H  N N 64  
DG  "H2'"  H  N N 65  
DG  "H2''" H  N N 66  
DG  "H1'"  H  N N 67  
DG  H8     H  N N 68  
DG  H1     H  N N 69  
DG  H21    H  N N 70  
DG  H22    H  N N 71  
HOH O      O  N N 72  
HOH H1     H  N N 73  
HOH H2     H  N N 74  
MG  MG     MG N N 75  
NA  NA     NA N N 76  
SPD N1     N  N N 77  
SPD C2     C  N N 78  
SPD C3     C  N N 79  
SPD C4     C  N N 80  
SPD C5     C  N N 81  
SPD N6     N  N N 82  
SPD C7     C  N N 83  
SPD C8     C  N N 84  
SPD C9     C  N N 85  
SPD N10    N  N N 86  
SPD HN11   H  N N 87  
SPD HN12   H  N N 88  
SPD H21    H  N N 89  
SPD H22    H  N N 90  
SPD H31    H  N N 91  
SPD H32    H  N N 92  
SPD H41    H  N N 93  
SPD H42    H  N N 94  
SPD H51    H  N N 95  
SPD H52    H  N N 96  
SPD HN6    H  N N 97  
SPD H71    H  N N 98  
SPD H72    H  N N 99  
SPD H81    H  N N 100 
SPD H82    H  N N 101 
SPD H91    H  N N 102 
SPD H92    H  N N 103 
SPD H101   H  N N 104 
SPD H102   H  N N 105 
# 
loop_
_chem_comp_bond.comp_id 
_chem_comp_bond.atom_id_1 
_chem_comp_bond.atom_id_2 
_chem_comp_bond.value_order 
_chem_comp_bond.pdbx_aromatic_flag 
_chem_comp_bond.pdbx_stereo_config 
_chem_comp_bond.pdbx_ordinal 
DC  OP3   P      sing N N 1   
DC  OP3   HOP3   sing N N 2   
DC  P     OP1    doub N N 3   
DC  P     OP2    sing N N 4   
DC  P     "O5'"  sing N N 5   
DC  OP2   HOP2   sing N N 6   
DC  "O5'" "C5'"  sing N N 7   
DC  "C5'" "C4'"  sing N N 8   
DC  "C5'" "H5'"  sing N N 9   
DC  "C5'" "H5''" sing N N 10  
DC  "C4'" "O4'"  sing N N 11  
DC  "C4'" "C3'"  sing N N 12  
DC  "C4'" "H4'"  sing N N 13  
DC  "O4'" "C1'"  sing N N 14  
DC  "C3'" "O3'"  sing N N 15  
DC  "C3'" "C2'"  sing N N 16  
DC  "C3'" "H3'"  sing N N 17  
DC  "O3'" "HO3'" sing N N 18  
DC  "C2'" "C1'"  sing N N 19  
DC  "C2'" "H2'"  sing N N 20  
DC  "C2'" "H2''" sing N N 21  
DC  "C1'" N1     sing N N 22  
DC  "C1'" "H1'"  sing N N 23  
DC  N1    C2     sing N N 24  
DC  N1    C6     sing N N 25  
DC  C2    O2     doub N N 26  
DC  C2    N3     sing N N 27  
DC  N3    C4     doub N N 28  
DC  C4    N4     sing N N 29  
DC  C4    C5     sing N N 30  
DC  N4    H41    sing N N 31  
DC  N4    H42    sing N N 32  
DC  C5    C6     doub N N 33  
DC  C5    H5     sing N N 34  
DC  C6    H6     sing N N 35  
DG  OP3   P      sing N N 36  
DG  OP3   HOP3   sing N N 37  
DG  P     OP1    doub N N 38  
DG  P     OP2    sing N N 39  
DG  P     "O5'"  sing N N 40  
DG  OP2   HOP2   sing N N 41  
DG  "O5'" "C5'"  sing N N 42  
DG  "C5'" "C4'"  sing N N 43  
DG  "C5'" "H5'"  sing N N 44  
DG  "C5'" "H5''" sing N N 45  
DG  "C4'" "O4'"  sing N N 46  
DG  "C4'" "C3'"  sing N N 47  
DG  "C4'" "H4'"  sing N N 48  
DG  "O4'" "C1'"  sing N N 49  
DG  "C3'" "O3'"  sing N N 50  
DG  "C3'" "C2'"  sing N N 51  
DG  "C3'" "H3'"  sing N N 52  
DG  "O3'" "HO3'" sing N N 53  
DG  "C2'" "C1'"  sing N N 54  
DG  "C2'" "H2'"  sing N N 55  
DG  "C2'" "H2''" sing N N 56  
DG  "C1'" N9     sing N N 57  
DG  "C1'" "H1'"  sing N N 58  
DG  N9    C8     sing Y N 59  
DG  N9    C4     sing Y N 60  
DG  C8    N7     doub Y N 61  
DG  C8    H8     sing N N 62  
DG  N7    C5     sing Y N 63  
DG  C5    C6     sing N N 64  
DG  C5    C4     doub Y N 65  
DG  C6    O6     doub N N 66  
DG  C6    N1     sing N N 67  
DG  N1    C2     sing N N 68  
DG  N1    H1     sing N N 69  
DG  C2    N2     sing N N 70  
DG  C2    N3     doub N N 71  
DG  N2    H21    sing N N 72  
DG  N2    H22    sing N N 73  
DG  N3    C4     sing N N 74  
HOH O     H1     sing N N 75  
HOH O     H2     sing N N 76  
SPD N1    C2     sing N N 77  
SPD N1    HN11   sing N N 78  
SPD N1    HN12   sing N N 79  
SPD C2    C3     sing N N 80  
SPD C2    H21    sing N N 81  
SPD C2    H22    sing N N 82  
SPD C3    C4     sing N N 83  
SPD C3    H31    sing N N 84  
SPD C3    H32    sing N N 85  
SPD C4    C5     sing N N 86  
SPD C4    H41    sing N N 87  
SPD C4    H42    sing N N 88  
SPD C5    N6     sing N N 89  
SPD C5    H51    sing N N 90  
SPD C5    H52    sing N N 91  
SPD N6    C7     sing N N 92  
SPD N6    HN6    sing N N 93  
SPD C7    C8     sing N N 94  
SPD C7    H71    sing N N 95  
SPD C7    H72    sing N N 96  
SPD C8    C9     sing N N 97  
SPD C8    H81    sing N N 98  
SPD C8    H82    sing N N 99  
SPD C9    N10    sing N N 100 
SPD C9    H91    sing N N 101 
SPD C9    H92    sing N N 102 
SPD N10   H101   sing N N 103 
SPD N10   H102   sing N N 104 
# 
_ndb_struct_conf_na.entry_id   2ELG 
_ndb_struct_conf_na.feature    'z-form double helix' 
# 
loop_
_ndb_struct_na_base_pair.model_number 
_ndb_struct_na_base_pair.i_label_asym_id 
_ndb_struct_na_base_pair.i_label_comp_id 
_ndb_struct_na_base_pair.i_label_seq_id 
_ndb_struct_na_base_pair.i_symmetry 
_ndb_struct_na_base_pair.j_label_asym_id 
_ndb_struct_na_base_pair.j_label_comp_id 
_ndb_struct_na_base_pair.j_label_seq_id 
_ndb_struct_na_base_pair.j_symmetry 
_ndb_struct_na_base_pair.shear 
_ndb_struct_na_base_pair.stretch 
_ndb_struct_na_base_pair.stagger 
_ndb_struct_na_base_pair.buckle 
_ndb_struct_na_base_pair.propeller 
_ndb_struct_na_base_pair.opening 
_ndb_struct_na_base_pair.pair_number 
_ndb_struct_na_base_pair.pair_name 
_ndb_struct_na_base_pair.i_auth_asym_id 
_ndb_struct_na_base_pair.i_auth_seq_id 
_ndb_struct_na_base_pair.i_PDB_ins_code 
_ndb_struct_na_base_pair.j_auth_asym_id 
_ndb_struct_na_base_pair.j_auth_seq_id 
_ndb_struct_na_base_pair.j_PDB_ins_code 
_ndb_struct_na_base_pair.hbond_type_28 
_ndb_struct_na_base_pair.hbond_type_12 
1 A DC 1 1_555 B DG 6 1_555 -0.287 -0.178 0.063  3.445  -6.301 2.355 1 A_DC1:DG12_B A 1 ? B 12 ? 19 1 
1 A DG 2 1_555 B DC 5 1_555 0.316  -0.146 0.088  -2.663 -8.590 1.419 2 A_DG2:DC11_B A 2 ? B 11 ? 19 1 
1 A DC 3 1_555 B DG 4 1_555 -0.309 -0.202 -0.072 8.443  -2.669 3.594 3 A_DC3:DG10_B A 3 ? B 10 ? 19 1 
1 A DG 4 1_555 B DC 3 1_555 0.195  -0.154 0.011  -5.235 -1.489 3.746 4 A_DG4:DC9_B  A 4 ? B 9  ? 19 1 
1 A DC 5 1_555 B DG 2 1_555 -0.116 -0.192 -0.063 8.018  -1.242 2.732 5 A_DC5:DG8_B  A 5 ? B 8  ? 19 1 
1 A DG 6 1_555 B DC 1 1_555 0.328  -0.062 0.258  -0.412 3.262  2.256 6 A_DG6:DC7_B  A 6 ? B 7  ? 19 1 
# 
loop_
_ndb_struct_na_base_pair_step.model_number 
_ndb_struct_na_base_pair_step.i_label_asym_id_1 
_ndb_struct_na_base_pair_step.i_label_comp_id_1 
_ndb_struct_na_base_pair_step.i_label_seq_id_1 
_ndb_struct_na_base_pair_step.i_symmetry_1 
_ndb_struct_na_base_pair_step.j_label_asym_id_1 
_ndb_struct_na_base_pair_step.j_label_comp_id_1 
_ndb_struct_na_base_pair_step.j_label_seq_id_1 
_ndb_struct_na_base_pair_step.j_symmetry_1 
_ndb_struct_na_base_pair_step.i_label_asym_id_2 
_ndb_struct_na_base_pair_step.i_label_comp_id_2 
_ndb_struct_na_base_pair_step.i_label_seq_id_2 
_ndb_struct_na_base_pair_step.i_symmetry_2 
_ndb_struct_na_base_pair_step.j_label_asym_id_2 
_ndb_struct_na_base_pair_step.j_label_comp_id_2 
_ndb_struct_na_base_pair_step.j_label_seq_id_2 
_ndb_struct_na_base_pair_step.j_symmetry_2 
_ndb_struct_na_base_pair_step.shift 
_ndb_struct_na_base_pair_step.slide 
_ndb_struct_na_base_pair_step.rise 
_ndb_struct_na_base_pair_step.tilt 
_ndb_struct_na_base_pair_step.roll 
_ndb_struct_na_base_pair_step.twist 
_ndb_struct_na_base_pair_step.x_displacement 
_ndb_struct_na_base_pair_step.y_displacement 
_ndb_struct_na_base_pair_step.helical_rise 
_ndb_struct_na_base_pair_step.inclination 
_ndb_struct_na_base_pair_step.tip 
_ndb_struct_na_base_pair_step.helical_twist 
_ndb_struct_na_base_pair_step.step_number 
_ndb_struct_na_base_pair_step.step_name 
_ndb_struct_na_base_pair_step.i_auth_asym_id_1 
_ndb_struct_na_base_pair_step.i_auth_seq_id_1 
_ndb_struct_na_base_pair_step.i_PDB_ins_code_1 
_ndb_struct_na_base_pair_step.j_auth_asym_id_1 
_ndb_struct_na_base_pair_step.j_auth_seq_id_1 
_ndb_struct_na_base_pair_step.j_PDB_ins_code_1 
_ndb_struct_na_base_pair_step.i_auth_asym_id_2 
_ndb_struct_na_base_pair_step.i_auth_seq_id_2 
_ndb_struct_na_base_pair_step.i_PDB_ins_code_2 
_ndb_struct_na_base_pair_step.j_auth_asym_id_2 
_ndb_struct_na_base_pair_step.j_auth_seq_id_2 
_ndb_struct_na_base_pair_step.j_PDB_ins_code_2 
1 A DC 1 1_555 B DG 6 1_555 A DG 2 1_555 B DC 5 1_555 -0.085 5.207  3.702 -0.016 -3.712 -4.618  -16.850 -0.971 6.147 38.807 -0.167 
-5.924  1 AA_DC1DG2:DC11DG12_BB A 1 ? B 12 ? A 2 ? B 11 ? 
1 A DG 2 1_555 B DC 5 1_555 A DC 3 1_555 B DG 4 1_555 -0.010 -0.923 3.254 1.977  -3.079 -53.039 1.225   0.113  3.198 3.444  2.211 
-53.156 2 AA_DG2DC3:DG10DC11_BB A 2 ? B 11 ? A 3 ? B 10 ? 
1 A DC 3 1_555 B DG 4 1_555 A DG 4 1_555 B DC 3 1_555 -0.043 5.320  3.730 0.931  -4.875 -6.496  -14.338 4.087  6.140 36.749 7.017 
-8.174  3 AA_DC3DG4:DC9DG10_BB  A 3 ? B 10 ? A 4 ? B 9  ? 
1 A DG 4 1_555 B DC 3 1_555 A DC 5 1_555 B DG 2 1_555 0.013  -0.823 3.126 0.557  -2.932 -52.775 1.104   0.049  3.079 3.296  0.626 
-52.853 4 AA_DG4DC5:DG8DC9_BB   A 4 ? B 9  ? A 5 ? B 8  ? 
1 A DC 5 1_555 B DG 2 1_555 A DG 6 1_555 B DC 1 1_555 -0.025 5.348  3.722 -1.732 0.235  -8.687  -35.239 -4.770 3.503 -1.529 
-11.285 -8.861  5 AA_DC5DG6:DC7DG8_BB   A 5 ? B 8  ? A 6 ? B 7  ? 
# 
loop_
_pdbx_entity_nonpoly.entity_id 
_pdbx_entity_nonpoly.name 
_pdbx_entity_nonpoly.comp_id 
2 SPERMIDINE      SPD 
3 'MAGNESIUM ION' MG  
4 'SODIUM ION'    NA  
5 water           HOH 
# 
_pdbx_initial_refinement_model.id               1 
_pdbx_initial_refinement_model.entity_id_list   ? 
_pdbx_initial_refinement_model.type             'experimental model' 
_pdbx_initial_refinement_model.source_name      PDB 
_pdbx_initial_refinement_model.accession_code   1DJ6 
_pdbx_initial_refinement_model.details          'PDB ENTRY 1DJ6' 
# 
